data_7M6K
#
_entry.id   7M6K
#
_cell.length_a   39.065
_cell.length_b   51.010
_cell.length_c   76.560
_cell.angle_alpha   103.492
_cell.angle_beta   101.784
_cell.angle_gamma   96.071
#
_symmetry.space_group_name_H-M   'P 1'
#
loop_
_entity.id
_entity.type
_entity.pdbx_description
1 polymer 'Isoform B of NAD(+) hydrolase sarm1'
2 non-polymer 3-({[(4-nitrophenyl)carbamoyl]amino}methyl)-1-(5-O-phosphono-beta-D-ribofuranosyl)pyridin-1-ium
3 non-polymer 'SODIUM ION'
4 water water
#
_entity_poly.entity_id   1
_entity_poly.type   'polypeptide(L)'
_entity_poly.pdbx_seq_one_letter_code
;KKSQYLEKINEVIRRAWAVPTHGHELGYSLCNSLRQSGGLDLLMKNCVKPDLQFSSAQLLEQCLTTENRKHVVDNGLDKV
VNVACVCTKNSNMEHSRVGTGILEHLFKHSEGTCSDVIRLGGLDAVLFECRTSDLETLRHCASALANLSLYGGAENQEEM
ILRKVPMWLFPLAFHNDDNIKYYACLAIAVLVANKEIEAEVLKSGCLDLVEPFVTSHDPSAFARSNLAHAHGQSKHWLKR
LVPVLSSNREEARNLAAFHFCMEAGIKREQGNTDIFREINAIEALKNVASCPNAIASKFAAQALRLIGET
;
_entity_poly.pdbx_strand_id   A,B
#
loop_
_chem_comp.id
_chem_comp.type
_chem_comp.name
_chem_comp.formula
NA non-polymer 'SODIUM ION' 'Na 1'
YRJ non-polymer 3-({[(4-nitrophenyl)carbamoyl]amino}methyl)-1-(5-O-phosphono-beta-D-ribofuranosyl)pyridin-1-ium 'C18 H22 N4 O10 P 1'
#
# COMPACT_ATOMS: atom_id res chain seq x y z
N TYR A 5 19.93 -7.25 -17.73
CA TYR A 5 21.22 -6.72 -17.31
C TYR A 5 21.28 -6.58 -15.79
N LEU A 6 21.11 -7.70 -15.11
CA LEU A 6 21.07 -7.71 -13.65
C LEU A 6 22.32 -7.13 -13.03
N GLU A 7 23.50 -7.47 -13.56
CA GLU A 7 24.72 -7.00 -12.90
C GLU A 7 24.77 -5.48 -12.88
N LYS A 8 24.29 -4.83 -13.93
CA LYS A 8 24.30 -3.37 -13.95
C LYS A 8 23.20 -2.79 -13.06
N ILE A 9 22.02 -3.42 -13.02
CA ILE A 9 20.97 -2.87 -12.17
C ILE A 9 21.34 -3.03 -10.71
N ASN A 10 21.93 -4.17 -10.34
CA ASN A 10 22.33 -4.38 -8.96
C ASN A 10 23.34 -3.31 -8.53
N GLU A 11 24.28 -2.96 -9.41
CA GLU A 11 25.25 -1.93 -9.06
C GLU A 11 24.57 -0.58 -8.87
N VAL A 12 23.61 -0.23 -9.73
CA VAL A 12 22.97 1.07 -9.62
C VAL A 12 22.24 1.19 -8.29
N ILE A 13 21.51 0.13 -7.91
CA ILE A 13 20.70 0.18 -6.70
C ILE A 13 21.59 0.20 -5.47
N ARG A 14 22.68 -0.56 -5.49
CA ARG A 14 23.62 -0.53 -4.37
C ARG A 14 24.20 0.87 -4.19
N ARG A 15 24.60 1.52 -5.29
N ARG A 15 24.61 1.51 -5.29
CA ARG A 15 25.16 2.86 -5.17
CA ARG A 15 25.16 2.86 -5.18
C ARG A 15 24.09 3.85 -4.71
C ARG A 15 24.09 3.84 -4.70
N ALA A 16 22.85 3.66 -5.16
CA ALA A 16 21.77 4.55 -4.76
C ALA A 16 21.53 4.52 -3.26
N TRP A 17 21.37 3.31 -2.70
CA TRP A 17 21.12 3.22 -1.26
C TRP A 17 22.24 3.85 -0.47
N ALA A 18 23.47 3.80 -0.97
CA ALA A 18 24.62 4.25 -0.21
C ALA A 18 24.74 5.77 -0.11
N VAL A 19 23.98 6.55 -0.87
CA VAL A 19 24.13 8.00 -0.80
C VAL A 19 23.61 8.50 0.55
N PRO A 20 24.44 9.13 1.39
CA PRO A 20 23.91 9.67 2.65
C PRO A 20 22.79 10.67 2.40
N THR A 21 21.80 10.64 3.31
CA THR A 21 20.62 11.49 3.28
C THR A 21 19.68 11.16 2.12
N HIS A 22 20.18 11.22 0.89
CA HIS A 22 19.33 11.01 -0.27
C HIS A 22 19.11 9.54 -0.63
N GLY A 23 19.92 8.63 -0.10
CA GLY A 23 19.82 7.25 -0.53
C GLY A 23 18.46 6.63 -0.28
N HIS A 24 17.76 7.08 0.76
CA HIS A 24 16.42 6.59 1.03
C HIS A 24 15.50 6.82 -0.16
N GLU A 25 15.46 8.05 -0.66
CA GLU A 25 14.55 8.36 -1.76
C GLU A 25 15.01 7.71 -3.06
N LEU A 26 16.33 7.69 -3.29
CA LEU A 26 16.87 7.14 -4.52
C LEU A 26 16.63 5.64 -4.62
N GLY A 27 16.94 4.91 -3.54
CA GLY A 27 16.68 3.48 -3.54
C GLY A 27 15.20 3.16 -3.68
N TYR A 28 14.36 3.89 -2.94
CA TYR A 28 12.92 3.65 -3.03
C TYR A 28 12.41 3.90 -4.45
N SER A 29 12.86 4.98 -5.09
CA SER A 29 12.32 5.27 -6.42
C SER A 29 12.76 4.21 -7.43
N LEU A 30 14.00 3.71 -7.33
CA LEU A 30 14.46 2.67 -8.25
C LEU A 30 13.74 1.35 -8.00
N CYS A 31 13.59 0.96 -6.73
CA CYS A 31 12.92 -0.30 -6.43
C CYS A 31 11.44 -0.23 -6.82
N ASN A 32 10.79 0.92 -6.64
CA ASN A 32 9.42 1.04 -7.15
C ASN A 32 9.38 0.96 -8.67
N SER A 33 10.38 1.52 -9.35
CA SER A 33 10.43 1.42 -10.81
C SER A 33 10.52 -0.04 -11.24
N LEU A 34 11.34 -0.82 -10.54
CA LEU A 34 11.44 -2.25 -10.84
C LEU A 34 10.08 -2.93 -10.78
N ARG A 35 9.26 -2.56 -9.80
CA ARG A 35 7.93 -3.15 -9.71
C ARG A 35 7.04 -2.68 -10.85
N GLN A 36 6.97 -1.37 -11.06
CA GLN A 36 6.03 -0.83 -12.04
C GLN A 36 6.39 -1.25 -13.46
N SER A 37 7.67 -1.45 -13.76
CA SER A 37 8.06 -1.82 -15.12
C SER A 37 7.86 -3.30 -15.41
N GLY A 38 7.45 -4.09 -14.42
CA GLY A 38 7.33 -5.53 -14.56
C GLY A 38 8.57 -6.29 -14.22
N GLY A 39 9.64 -5.59 -13.84
CA GLY A 39 10.89 -6.25 -13.53
C GLY A 39 10.81 -7.09 -12.27
N LEU A 40 10.02 -6.67 -11.29
CA LEU A 40 9.88 -7.46 -10.07
C LEU A 40 9.23 -8.81 -10.37
N ASP A 41 8.19 -8.80 -11.21
CA ASP A 41 7.56 -10.06 -11.61
C ASP A 41 8.54 -10.94 -12.37
N LEU A 42 9.39 -10.35 -13.21
CA LEU A 42 10.37 -11.13 -13.95
C LEU A 42 11.38 -11.78 -13.01
N LEU A 43 11.80 -11.05 -11.97
CA LEU A 43 12.74 -11.63 -11.01
C LEU A 43 12.13 -12.82 -10.28
N MET A 44 10.84 -12.71 -9.93
CA MET A 44 10.17 -13.79 -9.22
C MET A 44 10.01 -15.02 -10.12
N LYS A 45 9.71 -14.79 -11.40
CA LYS A 45 9.68 -15.89 -12.35
C LYS A 45 11.06 -16.53 -12.50
N ASN A 46 12.13 -15.74 -12.48
CA ASN A 46 13.45 -16.28 -12.75
C ASN A 46 14.10 -16.90 -11.52
N CYS A 47 13.60 -16.62 -10.32
CA CYS A 47 14.29 -17.12 -9.14
C CYS A 47 14.08 -18.61 -8.92
N VAL A 48 13.20 -19.26 -9.69
CA VAL A 48 13.07 -20.70 -9.66
C VAL A 48 13.80 -21.38 -10.82
N LYS A 49 14.45 -20.61 -11.69
CA LYS A 49 15.29 -21.21 -12.72
C LYS A 49 16.70 -21.36 -12.16
N PRO A 50 17.23 -22.58 -12.06
CA PRO A 50 18.53 -22.74 -11.38
C PRO A 50 19.64 -21.88 -11.94
N ASP A 51 19.63 -21.59 -13.25
CA ASP A 51 20.71 -20.79 -13.82
C ASP A 51 20.58 -19.31 -13.45
N LEU A 52 19.38 -18.83 -13.16
CA LEU A 52 19.15 -17.40 -12.94
C LEU A 52 18.86 -17.10 -11.49
N GLN A 53 18.97 -18.10 -10.64
CA GLN A 53 18.47 -18.03 -9.26
C GLN A 53 19.26 -17.04 -8.43
N PHE A 54 20.58 -17.20 -8.39
CA PHE A 54 21.35 -16.35 -7.50
C PHE A 54 21.35 -14.89 -7.97
N SER A 55 21.46 -14.66 -9.28
CA SER A 55 21.45 -13.28 -9.76
C SER A 55 20.11 -12.62 -9.48
N SER A 56 19.01 -13.34 -9.66
CA SER A 56 17.70 -12.78 -9.35
C SER A 56 17.58 -12.50 -7.85
N ALA A 57 18.03 -13.44 -7.02
CA ALA A 57 17.95 -13.27 -5.58
C ALA A 57 18.76 -12.07 -5.11
N GLN A 58 19.91 -11.84 -5.74
CA GLN A 58 20.79 -10.75 -5.36
C GLN A 58 20.11 -9.40 -5.53
N LEU A 59 19.33 -9.24 -6.59
CA LEU A 59 18.61 -7.99 -6.80
C LEU A 59 17.36 -7.92 -5.95
N LEU A 60 16.61 -9.03 -5.85
CA LEU A 60 15.47 -9.04 -4.93
C LEU A 60 15.89 -8.57 -3.55
N GLU A 61 17.04 -9.04 -3.07
CA GLU A 61 17.42 -8.77 -1.70
C GLU A 61 17.55 -7.28 -1.44
N GLN A 62 17.89 -6.51 -2.47
CA GLN A 62 18.11 -5.07 -2.34
C GLN A 62 16.85 -4.25 -2.62
N CYS A 63 15.75 -4.88 -3.03
CA CYS A 63 14.55 -4.15 -3.39
C CYS A 63 13.29 -4.67 -2.71
N LEU A 64 13.44 -5.25 -1.52
CA LEU A 64 12.27 -5.68 -0.75
C LEU A 64 11.82 -4.55 0.18
N THR A 65 11.47 -3.44 -0.47
CA THR A 65 10.93 -2.26 0.16
C THR A 65 9.47 -2.48 0.50
N THR A 66 8.88 -1.47 1.16
CA THR A 66 7.54 -1.59 1.70
C THR A 66 6.55 -2.09 0.66
N GLU A 67 6.45 -1.41 -0.47
CA GLU A 67 5.43 -1.79 -1.44
C GLU A 67 5.82 -3.04 -2.21
N ASN A 68 7.12 -3.29 -2.39
CA ASN A 68 7.52 -4.51 -3.09
C ASN A 68 7.33 -5.76 -2.23
N ARG A 69 7.45 -5.62 -0.90
CA ARG A 69 7.10 -6.75 -0.03
C ARG A 69 5.63 -7.12 -0.21
N LYS A 70 4.76 -6.12 -0.30
CA LYS A 70 3.35 -6.39 -0.58
C LYS A 70 3.20 -7.14 -1.90
N HIS A 71 3.94 -6.70 -2.93
CA HIS A 71 3.83 -7.33 -4.24
C HIS A 71 4.28 -8.79 -4.19
N VAL A 72 5.38 -9.07 -3.51
CA VAL A 72 5.85 -10.45 -3.38
C VAL A 72 4.83 -11.30 -2.62
N VAL A 73 4.33 -10.78 -1.50
CA VAL A 73 3.36 -11.51 -0.71
C VAL A 73 2.15 -11.89 -1.56
N ASP A 74 1.72 -10.98 -2.43
CA ASP A 74 0.51 -11.20 -3.21
C ASP A 74 0.74 -12.14 -4.40
N ASN A 75 1.98 -12.22 -4.92
CA ASN A 75 2.21 -12.92 -6.18
C ASN A 75 3.12 -14.12 -6.11
N GLY A 76 4.05 -14.18 -5.18
CA GLY A 76 4.87 -15.38 -5.10
C GLY A 76 5.75 -15.51 -3.88
N LEU A 77 5.15 -15.42 -2.70
CA LEU A 77 5.92 -15.52 -1.48
C LEU A 77 6.64 -16.87 -1.38
N ASP A 78 5.97 -17.94 -1.77
CA ASP A 78 6.57 -19.27 -1.61
C ASP A 78 7.85 -19.41 -2.44
N LYS A 79 7.85 -18.84 -3.66
CA LYS A 79 9.05 -18.89 -4.50
C LYS A 79 10.20 -18.08 -3.89
N VAL A 80 9.90 -16.91 -3.34
CA VAL A 80 10.96 -16.07 -2.81
C VAL A 80 11.53 -16.66 -1.52
N VAL A 81 10.67 -17.19 -0.65
CA VAL A 81 11.20 -17.84 0.55
C VAL A 81 12.07 -19.02 0.16
N ASN A 82 11.66 -19.77 -0.87
CA ASN A 82 12.44 -20.92 -1.29
C ASN A 82 13.83 -20.51 -1.77
N VAL A 83 13.90 -19.48 -2.61
CA VAL A 83 15.21 -19.06 -3.11
C VAL A 83 16.07 -18.61 -1.94
N ALA A 84 15.48 -17.90 -0.97
CA ALA A 84 16.28 -17.46 0.18
C ALA A 84 16.82 -18.65 0.95
N CYS A 85 16.02 -19.70 1.10
CA CYS A 85 16.51 -20.87 1.81
C CYS A 85 17.57 -21.60 0.99
N VAL A 86 17.38 -21.70 -0.33
CA VAL A 86 18.41 -22.24 -1.21
C VAL A 86 19.73 -21.50 -1.00
N CYS A 87 19.67 -20.16 -0.94
CA CYS A 87 20.88 -19.37 -0.80
C CYS A 87 21.57 -19.61 0.54
N THR A 88 20.81 -19.82 1.61
CA THR A 88 21.45 -20.07 2.89
C THR A 88 22.10 -21.44 2.93
N LYS A 89 21.61 -22.38 2.10
CA LYS A 89 22.18 -23.71 2.03
C LYS A 89 23.47 -23.74 1.21
N ASN A 90 23.62 -22.82 0.27
CA ASN A 90 24.83 -22.76 -0.55
C ASN A 90 26.05 -22.41 0.31
N SER A 91 27.20 -22.99 -0.04
CA SER A 91 28.40 -22.85 0.77
C SER A 91 29.01 -21.46 0.65
N ASN A 92 28.81 -20.78 -0.47
CA ASN A 92 29.41 -19.48 -0.70
C ASN A 92 28.86 -18.46 0.29
N MET A 93 29.76 -17.72 0.93
CA MET A 93 29.35 -16.67 1.86
C MET A 93 28.50 -15.61 1.18
N GLU A 94 28.80 -15.31 -0.08
CA GLU A 94 27.99 -14.34 -0.82
C GLU A 94 26.54 -14.79 -0.90
N HIS A 95 26.33 -16.09 -1.08
CA HIS A 95 24.97 -16.62 -1.12
C HIS A 95 24.31 -16.54 0.25
N SER A 96 25.03 -16.94 1.30
N SER A 96 25.02 -16.93 1.30
CA SER A 96 24.44 -16.94 2.63
CA SER A 96 24.42 -16.94 2.63
C SER A 96 23.97 -15.54 3.02
C SER A 96 23.97 -15.54 3.03
N ARG A 97 24.78 -14.53 2.73
CA ARG A 97 24.40 -13.17 3.05
C ARG A 97 23.12 -12.77 2.32
N VAL A 98 22.96 -13.22 1.07
CA VAL A 98 21.79 -12.83 0.30
C VAL A 98 20.53 -13.51 0.84
N GLY A 99 20.61 -14.81 1.11
CA GLY A 99 19.44 -15.52 1.61
C GLY A 99 18.96 -14.97 2.94
N THR A 100 19.89 -14.76 3.87
CA THR A 100 19.49 -14.22 5.17
C THR A 100 18.95 -12.79 5.02
N GLY A 101 19.50 -12.02 4.07
CA GLY A 101 18.97 -10.68 3.83
C GLY A 101 17.53 -10.71 3.35
N ILE A 102 17.22 -11.63 2.43
CA ILE A 102 15.83 -11.75 1.96
C ILE A 102 14.90 -12.07 3.12
N LEU A 103 15.30 -13.01 3.97
CA LEU A 103 14.41 -13.41 5.06
C LEU A 103 14.24 -12.29 6.08
N GLU A 104 15.32 -11.55 6.36
CA GLU A 104 15.22 -10.37 7.20
C GLU A 104 14.10 -9.43 6.73
N HIS A 105 14.01 -9.19 5.43
CA HIS A 105 13.03 -8.24 4.93
C HIS A 105 11.65 -8.84 4.80
N LEU A 106 11.54 -10.15 4.55
CA LEU A 106 10.21 -10.75 4.51
C LEU A 106 9.55 -10.79 5.87
N PHE A 107 10.29 -10.59 6.96
CA PHE A 107 9.69 -10.50 8.27
C PHE A 107 9.23 -9.08 8.61
N LYS A 108 9.16 -8.17 7.64
CA LYS A 108 8.73 -6.79 7.86
C LYS A 108 7.47 -6.45 7.09
N HIS A 109 6.54 -7.40 6.99
CA HIS A 109 5.29 -7.14 6.27
C HIS A 109 4.07 -7.19 7.18
N SER A 110 3.77 -8.33 7.80
CA SER A 110 2.56 -8.46 8.61
C SER A 110 2.63 -9.73 9.46
N GLU A 111 1.74 -9.80 10.45
CA GLU A 111 1.62 -10.99 11.27
C GLU A 111 1.42 -12.22 10.40
N GLY A 112 0.49 -12.14 9.44
CA GLY A 112 0.17 -13.29 8.61
C GLY A 112 1.35 -13.73 7.76
N THR A 113 2.10 -12.77 7.22
CA THR A 113 3.24 -13.11 6.40
C THR A 113 4.36 -13.72 7.24
N CYS A 114 4.57 -13.21 8.45
CA CYS A 114 5.51 -13.89 9.35
C CYS A 114 5.11 -15.35 9.54
N SER A 115 3.80 -15.62 9.73
CA SER A 115 3.36 -16.99 9.91
C SER A 115 3.67 -17.84 8.68
N ASP A 116 3.44 -17.28 7.48
CA ASP A 116 3.74 -18.00 6.25
C ASP A 116 5.23 -18.25 6.09
N VAL A 117 6.06 -17.25 6.38
CA VAL A 117 7.50 -17.44 6.24
C VAL A 117 7.97 -18.53 7.19
N ILE A 118 7.44 -18.54 8.41
CA ILE A 118 7.79 -19.58 9.36
C ILE A 118 7.34 -20.94 8.85
N ARG A 119 6.11 -21.02 8.33
CA ARG A 119 5.60 -22.28 7.79
C ARG A 119 6.48 -22.83 6.67
N LEU A 120 7.00 -21.95 5.81
CA LEU A 120 7.81 -22.36 4.68
C LEU A 120 9.27 -22.62 5.03
N GLY A 121 9.67 -22.44 6.28
CA GLY A 121 11.03 -22.74 6.70
C GLY A 121 11.91 -21.53 6.91
N GLY A 122 11.37 -20.32 6.79
CA GLY A 122 12.23 -19.15 6.84
C GLY A 122 12.87 -18.94 8.20
N LEU A 123 12.12 -19.19 9.27
CA LEU A 123 12.69 -18.99 10.60
C LEU A 123 13.74 -20.06 10.91
N ASP A 124 13.46 -21.31 10.52
CA ASP A 124 14.44 -22.38 10.70
C ASP A 124 15.74 -22.05 9.98
N ALA A 125 15.65 -21.46 8.78
CA ALA A 125 16.85 -21.09 8.05
C ALA A 125 17.63 -20.01 8.79
N VAL A 126 16.95 -19.01 9.34
CA VAL A 126 17.63 -17.96 10.06
C VAL A 126 18.32 -18.52 11.29
N LEU A 127 17.61 -19.35 12.06
CA LEU A 127 18.19 -19.88 13.28
C LEU A 127 19.40 -20.75 12.97
N PHE A 128 19.32 -21.53 11.90
CA PHE A 128 20.46 -22.35 11.48
C PHE A 128 21.67 -21.47 11.18
N GLU A 129 21.46 -20.34 10.49
CA GLU A 129 22.57 -19.45 10.17
C GLU A 129 23.11 -18.69 11.38
N CYS A 130 22.39 -18.67 12.50
CA CYS A 130 22.94 -18.05 13.71
C CYS A 130 24.20 -18.75 14.20
N ARG A 131 24.48 -19.96 13.69
CA ARG A 131 25.69 -20.67 14.05
C ARG A 131 26.93 -20.14 13.31
N THR A 132 26.75 -19.27 12.32
CA THR A 132 27.89 -18.80 11.54
C THR A 132 28.72 -17.80 12.34
N SER A 133 29.93 -17.56 11.83
CA SER A 133 30.81 -16.52 12.34
C SER A 133 30.90 -15.34 11.38
N ASP A 134 30.28 -15.42 10.21
CA ASP A 134 30.31 -14.32 9.25
C ASP A 134 29.52 -13.14 9.82
N LEU A 135 30.19 -11.99 9.97
CA LEU A 135 29.54 -10.87 10.63
C LEU A 135 28.33 -10.38 9.83
N GLU A 136 28.45 -10.26 8.50
CA GLU A 136 27.33 -9.71 7.75
C GLU A 136 26.11 -10.63 7.85
N THR A 137 26.33 -11.95 7.75
CA THR A 137 25.24 -12.91 7.93
C THR A 137 24.60 -12.77 9.31
N LEU A 138 25.42 -12.67 10.36
CA LEU A 138 24.87 -12.61 11.70
C LEU A 138 24.09 -11.31 11.91
N ARG A 139 24.56 -10.21 11.30
CA ARG A 139 23.81 -8.96 11.37
C ARG A 139 22.44 -9.10 10.74
N HIS A 140 22.36 -9.77 9.58
CA HIS A 140 21.06 -10.05 8.98
C HIS A 140 20.19 -10.89 9.91
N CYS A 141 20.78 -11.93 10.53
CA CYS A 141 20.02 -12.79 11.44
C CYS A 141 19.44 -12.00 12.61
N ALA A 142 20.27 -11.19 13.26
CA ALA A 142 19.79 -10.43 14.41
C ALA A 142 18.68 -9.47 13.99
N SER A 143 18.85 -8.81 12.84
CA SER A 143 17.82 -7.92 12.32
CA SER A 143 17.82 -7.92 12.32
C SER A 143 16.55 -8.69 11.96
N ALA A 144 16.69 -9.86 11.34
CA ALA A 144 15.51 -10.67 11.04
C ALA A 144 14.72 -10.98 12.30
N LEU A 145 15.41 -11.35 13.38
CA LEU A 145 14.71 -11.71 14.61
C LEU A 145 14.07 -10.48 15.26
N ALA A 146 14.73 -9.32 15.19
CA ALA A 146 14.07 -8.10 15.66
C ALA A 146 12.82 -7.81 14.84
N ASN A 147 12.90 -7.96 13.52
CA ASN A 147 11.73 -7.71 12.68
C ASN A 147 10.60 -8.68 13.01
N LEU A 148 10.92 -9.97 13.14
CA LEU A 148 9.90 -10.96 13.51
C LEU A 148 9.27 -10.63 14.85
N SER A 149 10.07 -10.18 15.82
CA SER A 149 9.53 -9.77 17.12
C SER A 149 8.55 -8.60 16.97
N LEU A 150 8.88 -7.64 16.12
CA LEU A 150 8.06 -6.45 15.92
C LEU A 150 6.80 -6.75 15.13
N TYR A 151 6.91 -7.61 14.12
CA TYR A 151 5.81 -7.81 13.20
C TYR A 151 5.01 -9.09 13.43
N GLY A 152 5.51 -10.01 14.24
CA GLY A 152 4.92 -11.33 14.30
C GLY A 152 3.61 -11.39 15.04
N GLY A 153 3.43 -10.53 16.03
CA GLY A 153 2.22 -10.56 16.83
C GLY A 153 2.23 -11.71 17.82
N ALA A 154 1.12 -11.83 18.53
CA ALA A 154 1.05 -12.78 19.64
C ALA A 154 1.11 -14.22 19.15
N GLU A 155 0.37 -14.55 18.09
CA GLU A 155 0.38 -15.90 17.56
C GLU A 155 1.80 -16.39 17.32
N ASN A 156 2.64 -15.57 16.70
CA ASN A 156 3.99 -16.01 16.32
C ASN A 156 4.97 -16.02 17.49
N GLN A 157 4.67 -15.29 18.56
CA GLN A 157 5.52 -15.38 19.75
C GLN A 157 5.51 -16.78 20.34
N GLU A 158 4.32 -17.41 20.43
CA GLU A 158 4.28 -18.80 20.89
C GLU A 158 5.18 -19.68 20.04
N GLU A 159 5.19 -19.45 18.72
CA GLU A 159 6.03 -20.25 17.84
C GLU A 159 7.50 -19.92 18.08
N MET A 160 7.83 -18.66 18.39
CA MET A 160 9.20 -18.35 18.74
C MET A 160 9.60 -19.04 20.04
N ILE A 161 8.69 -19.11 21.01
CA ILE A 161 9.01 -19.76 22.28
C ILE A 161 9.30 -21.24 22.05
N LEU A 162 8.45 -21.90 21.25
CA LEU A 162 8.64 -23.33 21.00
C LEU A 162 9.96 -23.61 20.30
N ARG A 163 10.36 -22.76 19.35
CA ARG A 163 11.63 -22.94 18.68
C ARG A 163 12.79 -22.38 19.49
N LYS A 164 12.52 -21.85 20.69
CA LYS A 164 13.55 -21.36 21.61
C LYS A 164 14.30 -20.16 21.05
N VAL A 165 13.59 -19.27 20.34
CA VAL A 165 14.23 -18.09 19.77
C VAL A 165 14.92 -17.27 20.85
N PRO A 166 14.34 -17.03 22.03
CA PRO A 166 15.07 -16.26 23.06
C PRO A 166 16.45 -16.83 23.33
N MET A 167 16.57 -18.17 23.33
CA MET A 167 17.86 -18.81 23.54
C MET A 167 18.85 -18.44 22.46
N TRP A 168 18.42 -18.39 21.19
CA TRP A 168 19.32 -18.01 20.12
C TRP A 168 19.68 -16.53 20.19
N LEU A 169 18.78 -15.73 20.74
CA LEU A 169 18.99 -14.29 20.82
C LEU A 169 20.05 -13.91 21.85
N PHE A 170 20.03 -14.57 23.02
CA PHE A 170 20.91 -14.10 24.08
C PHE A 170 22.37 -14.12 23.66
N PRO A 171 22.88 -15.18 23.00
CA PRO A 171 24.27 -15.13 22.52
C PRO A 171 24.54 -13.99 21.56
N LEU A 172 23.55 -13.61 20.74
CA LEU A 172 23.76 -12.50 19.84
C LEU A 172 23.83 -11.19 20.59
N ALA A 173 23.05 -11.05 21.66
CA ALA A 173 23.10 -9.83 22.46
C ALA A 173 24.46 -9.64 23.11
N PHE A 174 25.13 -10.72 23.49
CA PHE A 174 26.46 -10.62 24.07
C PHE A 174 27.55 -10.58 23.02
N HIS A 175 27.20 -10.56 21.74
CA HIS A 175 28.20 -10.44 20.69
C HIS A 175 28.93 -9.11 20.81
N ASN A 176 30.22 -9.11 20.48
CA ASN A 176 30.99 -7.89 20.61
C ASN A 176 30.72 -6.90 19.48
N ASP A 177 30.11 -7.33 18.38
CA ASP A 177 29.77 -6.43 17.29
C ASP A 177 28.56 -5.58 17.69
N ASP A 178 28.71 -4.26 17.58
CA ASP A 178 27.66 -3.37 18.07
C ASP A 178 26.36 -3.55 17.29
N ASN A 179 26.43 -3.82 15.99
CA ASN A 179 25.18 -3.95 15.24
C ASN A 179 24.44 -5.24 15.58
N ILE A 180 25.16 -6.36 15.71
CA ILE A 180 24.51 -7.60 16.15
C ILE A 180 23.93 -7.41 17.54
N LYS A 181 24.73 -6.86 18.46
CA LYS A 181 24.26 -6.65 19.82
C LYS A 181 23.00 -5.79 19.84
N TYR A 182 23.00 -4.70 19.09
CA TYR A 182 21.90 -3.75 19.16
C TYR A 182 20.60 -4.38 18.69
N TYR A 183 20.61 -5.03 17.52
CA TYR A 183 19.35 -5.59 17.01
C TYR A 183 18.91 -6.80 17.82
N ALA A 184 19.84 -7.57 18.37
CA ALA A 184 19.45 -8.62 19.30
C ALA A 184 18.80 -8.01 20.54
N CYS A 185 19.35 -6.91 21.08
CA CYS A 185 18.73 -6.30 22.25
C CYS A 185 17.37 -5.68 21.90
N LEU A 186 17.23 -5.13 20.69
CA LEU A 186 15.92 -4.62 20.29
C LEU A 186 14.88 -5.72 20.25
N ALA A 187 15.24 -6.89 19.68
CA ALA A 187 14.31 -8.02 19.68
C ALA A 187 13.92 -8.36 21.11
N ILE A 188 14.91 -8.38 22.00
CA ILE A 188 14.64 -8.77 23.37
C ILE A 188 13.74 -7.75 24.05
N ALA A 189 14.02 -6.47 23.82
CA ALA A 189 13.20 -5.41 24.39
C ALA A 189 11.76 -5.51 23.93
N VAL A 190 11.54 -5.92 22.68
CA VAL A 190 10.19 -6.12 22.21
C VAL A 190 9.56 -7.35 22.87
N LEU A 191 10.31 -8.44 22.96
CA LEU A 191 9.72 -9.69 23.42
C LEU A 191 9.45 -9.72 24.92
N VAL A 192 10.07 -8.85 25.71
CA VAL A 192 9.83 -8.91 27.14
C VAL A 192 8.39 -8.51 27.48
N ALA A 193 7.69 -7.86 26.55
CA ALA A 193 6.26 -7.61 26.74
C ALA A 193 5.48 -8.91 26.92
N ASN A 194 6.05 -10.04 26.51
CA ASN A 194 5.45 -11.36 26.70
C ASN A 194 5.96 -11.93 28.02
N LYS A 195 5.04 -12.17 28.96
CA LYS A 195 5.49 -12.47 30.32
C LYS A 195 6.25 -13.79 30.40
N GLU A 196 5.91 -14.78 29.58
CA GLU A 196 6.69 -16.01 29.57
C GLU A 196 8.14 -15.74 29.14
N ILE A 197 8.32 -14.93 28.10
CA ILE A 197 9.67 -14.60 27.65
C ILE A 197 10.36 -13.71 28.66
N GLU A 198 9.61 -12.85 29.35
CA GLU A 198 10.23 -11.93 30.30
C GLU A 198 11.07 -12.68 31.32
N ALA A 199 10.56 -13.79 31.85
CA ALA A 199 11.29 -14.55 32.86
C ALA A 199 12.65 -15.00 32.33
N GLU A 200 12.68 -15.55 31.12
CA GLU A 200 13.94 -15.99 30.54
C GLU A 200 14.89 -14.80 30.31
N VAL A 201 14.34 -13.65 29.90
CA VAL A 201 15.19 -12.48 29.65
C VAL A 201 15.85 -12.01 30.94
N LEU A 202 15.08 -11.92 32.03
CA LEU A 202 15.64 -11.44 33.29
C LEU A 202 16.77 -12.36 33.76
N LYS A 203 16.58 -13.67 33.66
CA LYS A 203 17.61 -14.62 34.03
C LYS A 203 18.87 -14.43 33.19
N SER A 204 18.70 -14.15 31.90
CA SER A 204 19.85 -14.03 31.02
C SER A 204 20.75 -12.87 31.40
N GLY A 205 20.18 -11.79 31.93
CA GLY A 205 20.93 -10.57 32.20
C GLY A 205 21.23 -9.70 31.01
N CYS A 206 20.73 -10.08 29.82
N CYS A 206 20.73 -10.06 29.83
CA CYS A 206 21.01 -9.32 28.62
CA CYS A 206 21.07 -9.30 28.63
C CYS A 206 20.55 -7.87 28.74
C CYS A 206 20.53 -7.86 28.71
N LEU A 207 19.43 -7.65 29.43
CA LEU A 207 18.93 -6.28 29.58
C LEU A 207 19.96 -5.36 30.24
N ASP A 208 20.90 -5.92 30.99
CA ASP A 208 21.98 -5.14 31.57
C ASP A 208 22.94 -4.58 30.52
N LEU A 209 22.86 -5.04 29.28
CA LEU A 209 23.70 -4.51 28.21
C LEU A 209 23.23 -3.16 27.71
N VAL A 210 21.98 -2.79 28.01
CA VAL A 210 21.42 -1.59 27.40
C VAL A 210 22.08 -0.34 27.97
N GLU A 211 22.09 -0.19 29.29
CA GLU A 211 22.61 1.04 29.87
C GLU A 211 24.04 1.33 29.42
N PRO A 212 24.99 0.40 29.50
CA PRO A 212 26.32 0.68 28.94
C PRO A 212 26.28 1.08 27.47
N PHE A 213 25.41 0.46 26.69
CA PHE A 213 25.38 0.73 25.25
C PHE A 213 24.90 2.14 24.96
N VAL A 214 23.73 2.52 25.50
CA VAL A 214 23.14 3.78 25.10
C VAL A 214 23.91 4.96 25.68
N THR A 215 24.57 4.78 26.82
CA THR A 215 25.37 5.87 27.35
C THR A 215 26.76 5.95 26.72
N SER A 216 27.19 4.93 25.97
CA SER A 216 28.51 4.97 25.34
C SER A 216 28.46 5.27 23.85
N HIS A 217 27.28 5.27 23.24
CA HIS A 217 27.14 5.50 21.81
C HIS A 217 26.36 6.78 21.57
N ASP A 218 26.87 7.62 20.70
CA ASP A 218 26.09 8.76 20.25
C ASP A 218 25.14 8.30 19.17
N PRO A 219 23.83 8.55 19.31
CA PRO A 219 22.88 8.02 18.32
C PRO A 219 23.24 8.36 16.89
N SER A 220 23.68 9.59 16.63
CA SER A 220 24.00 9.99 15.27
C SER A 220 25.17 9.21 14.69
N ALA A 221 26.22 9.00 15.49
CA ALA A 221 27.35 8.24 14.97
C ALA A 221 26.97 6.78 14.75
N PHE A 222 26.14 6.23 15.64
CA PHE A 222 25.75 4.83 15.51
C PHE A 222 24.95 4.62 14.22
N ALA A 223 24.07 5.56 13.89
CA ALA A 223 23.36 5.48 12.61
C ALA A 223 24.33 5.36 11.44
N ARG A 224 25.39 6.18 11.44
CA ARG A 224 26.33 6.14 10.33
C ARG A 224 27.22 4.91 10.35
N SER A 225 27.22 4.14 11.44
CA SER A 225 28.14 3.03 11.60
C SER A 225 27.83 1.86 10.68
N ASN A 226 26.60 1.73 10.20
CA ASN A 226 26.24 0.63 9.30
C ASN A 226 25.40 1.20 8.17
N LEU A 227 25.87 0.97 6.93
CA LEU A 227 25.15 1.50 5.77
C LEU A 227 23.71 1.02 5.73
N ALA A 228 23.44 -0.21 6.18
CA ALA A 228 22.12 -0.79 6.02
C ALA A 228 21.05 -0.04 6.80
N HIS A 229 21.42 0.63 7.89
N HIS A 229 21.41 0.60 7.93
CA HIS A 229 20.45 1.35 8.71
CA HIS A 229 20.45 1.36 8.72
C HIS A 229 20.74 2.85 8.76
C HIS A 229 20.73 2.85 8.75
N ALA A 230 21.60 3.35 7.87
CA ALA A 230 21.94 4.76 7.86
C ALA A 230 20.76 5.66 7.54
N HIS A 231 19.73 5.15 6.88
CA HIS A 231 18.53 5.93 6.59
C HIS A 231 17.39 5.64 7.57
N GLY A 232 17.63 4.87 8.62
CA GLY A 232 16.59 4.58 9.57
C GLY A 232 15.61 3.56 9.04
N GLN A 233 14.50 3.43 9.77
CA GLN A 233 13.48 2.44 9.47
C GLN A 233 12.23 3.15 8.96
N SER A 234 11.31 2.35 8.41
CA SER A 234 10.09 2.89 7.84
C SER A 234 9.10 3.24 8.95
N LYS A 235 8.11 4.04 8.59
CA LYS A 235 7.16 4.44 9.62
C LYS A 235 6.37 3.24 10.13
N HIS A 236 6.15 2.22 9.29
CA HIS A 236 5.40 1.05 9.73
C HIS A 236 6.20 0.24 10.75
N TRP A 237 7.53 0.21 10.61
CA TRP A 237 8.38 -0.43 11.59
C TRP A 237 8.42 0.36 12.89
N LEU A 238 8.57 1.67 12.79
CA LEU A 238 8.61 2.51 13.98
C LEU A 238 7.28 2.50 14.72
N LYS A 239 6.17 2.47 13.98
CA LYS A 239 4.86 2.36 14.62
C LYS A 239 4.84 1.17 15.58
N ARG A 240 5.45 0.06 15.18
CA ARG A 240 5.44 -1.15 16.00
C ARG A 240 6.40 -1.06 17.17
N LEU A 241 7.41 -0.20 17.09
CA LEU A 241 8.30 0.04 18.22
C LEU A 241 7.74 1.01 19.25
N VAL A 242 6.77 1.85 18.87
CA VAL A 242 6.24 2.86 19.78
C VAL A 242 5.82 2.29 21.13
N PRO A 243 5.14 1.13 21.17
CA PRO A 243 4.72 0.58 22.47
C PRO A 243 5.87 0.28 23.42
N VAL A 244 7.08 0.06 22.90
CA VAL A 244 8.19 -0.20 23.81
C VAL A 244 8.61 1.06 24.56
N LEU A 245 8.25 2.24 24.05
CA LEU A 245 8.52 3.46 24.80
C LEU A 245 7.85 3.47 26.17
N SER A 246 6.80 2.66 26.36
CA SER A 246 6.12 2.53 27.64
C SER A 246 6.18 1.08 28.13
N SER A 247 7.28 0.41 27.84
CA SER A 247 7.47 -0.96 28.29
C SER A 247 7.43 -1.05 29.82
N ASN A 248 7.14 -2.26 30.31
CA ASN A 248 7.24 -2.55 31.73
C ASN A 248 8.66 -2.48 32.24
N ARG A 249 9.65 -2.69 31.37
CA ARG A 249 11.04 -2.84 31.79
C ARG A 249 11.80 -1.55 31.46
N GLU A 250 12.41 -0.96 32.50
CA GLU A 250 13.13 0.28 32.33
C GLU A 250 14.18 0.19 31.23
N GLU A 251 14.84 -0.95 31.14
CA GLU A 251 15.92 -1.08 30.15
C GLU A 251 15.35 -1.04 28.74
N ALA A 252 14.19 -1.65 28.54
CA ALA A 252 13.54 -1.63 27.22
C ALA A 252 13.10 -0.22 26.84
N ARG A 253 12.51 0.52 27.78
CA ARG A 253 12.18 1.91 27.51
C ARG A 253 13.41 2.70 27.12
N ASN A 254 14.53 2.49 27.83
CA ASN A 254 15.77 3.18 27.51
C ASN A 254 16.21 2.90 26.07
N LEU A 255 16.13 1.64 25.63
CA LEU A 255 16.60 1.31 24.29
C LEU A 255 15.69 1.90 23.23
N ALA A 256 14.38 1.85 23.46
CA ALA A 256 13.45 2.42 22.50
C ALA A 256 13.62 3.93 22.40
N ALA A 257 13.83 4.61 23.53
CA ALA A 257 14.07 6.05 23.49
C ALA A 257 15.34 6.37 22.70
N PHE A 258 16.40 5.62 22.93
CA PHE A 258 17.63 5.79 22.16
C PHE A 258 17.33 5.62 20.67
N HIS A 259 16.57 4.59 20.33
CA HIS A 259 16.31 4.36 18.92
C HIS A 259 15.56 5.53 18.29
N PHE A 260 14.52 6.01 18.96
CA PHE A 260 13.75 7.14 18.43
C PHE A 260 14.61 8.39 18.35
N CYS A 261 15.55 8.57 19.29
CA CYS A 261 16.44 9.72 19.21
C CYS A 261 17.31 9.64 17.96
N MET A 262 17.82 8.43 17.67
CA MET A 262 18.59 8.22 16.46
C MET A 262 17.74 8.49 15.22
N GLU A 263 16.51 7.98 15.21
CA GLU A 263 15.64 8.12 14.05
C GLU A 263 15.26 9.58 13.82
N ALA A 264 14.97 10.31 14.90
CA ALA A 264 14.72 11.73 14.79
C ALA A 264 15.84 12.46 14.06
N GLY A 265 17.08 12.20 14.44
CA GLY A 265 18.20 12.83 13.75
C GLY A 265 18.21 12.49 12.27
N ILE A 266 18.01 11.21 11.95
CA ILE A 266 18.02 10.77 10.56
C ILE A 266 16.87 11.41 9.78
N LYS A 267 15.67 11.37 10.35
CA LYS A 267 14.49 11.85 9.62
C LYS A 267 14.54 13.35 9.42
N ARG A 268 15.18 14.07 10.36
CA ARG A 268 15.39 15.49 10.18
C ARG A 268 16.04 15.77 8.83
N GLU A 269 17.15 15.08 8.56
CA GLU A 269 17.89 15.27 7.32
C GLU A 269 17.13 14.81 6.08
N GLN A 270 16.14 13.93 6.23
CA GLN A 270 15.36 13.50 5.07
C GLN A 270 14.13 14.34 4.82
N GLY A 271 13.71 15.15 5.79
CA GLY A 271 12.46 15.88 5.70
C GLY A 271 11.25 15.03 5.99
N ASN A 272 11.43 13.89 6.66
CA ASN A 272 10.34 12.98 6.95
C ASN A 272 9.95 13.01 8.41
N THR A 273 10.21 14.13 9.10
CA THR A 273 9.85 14.23 10.51
C THR A 273 8.34 14.10 10.71
N ASP A 274 7.55 14.27 9.65
CA ASP A 274 6.12 14.16 9.81
C ASP A 274 5.65 12.74 10.07
N ILE A 275 6.49 11.74 9.80
CA ILE A 275 6.04 10.36 10.04
C ILE A 275 5.82 10.12 11.53
N PHE A 276 6.56 10.82 12.39
CA PHE A 276 6.41 10.61 13.83
C PHE A 276 5.04 11.06 14.31
N ARG A 277 4.52 12.12 13.72
CA ARG A 277 3.16 12.56 13.99
C ARG A 277 2.17 11.51 13.50
N GLU A 278 2.37 10.98 12.30
CA GLU A 278 1.45 10.01 11.72
C GLU A 278 1.34 8.74 12.56
N ILE A 279 2.44 8.30 13.19
CA ILE A 279 2.44 7.07 13.97
C ILE A 279 2.21 7.34 15.45
N ASN A 280 1.82 8.58 15.81
CA ASN A 280 1.52 8.96 17.19
C ASN A 280 2.66 8.62 18.13
N ALA A 281 3.88 8.93 17.70
CA ALA A 281 5.04 8.82 18.58
C ALA A 281 5.31 10.10 19.35
N ILE A 282 4.80 11.24 18.86
CA ILE A 282 5.07 12.52 19.51
C ILE A 282 4.60 12.49 20.95
N GLU A 283 3.35 12.06 21.16
CA GLU A 283 2.80 12.05 22.51
C GLU A 283 3.49 10.99 23.36
N ALA A 284 3.77 9.82 22.77
CA ALA A 284 4.52 8.79 23.50
C ALA A 284 5.89 9.32 23.91
N LEU A 285 6.53 10.09 23.02
CA LEU A 285 7.83 10.67 23.34
C LEU A 285 7.71 11.77 24.38
N LYS A 286 6.70 12.64 24.25
CA LYS A 286 6.51 13.71 25.22
C LYS A 286 6.35 13.16 26.64
N ASN A 287 5.57 12.10 26.79
CA ASN A 287 5.44 11.45 28.08
C ASN A 287 6.80 11.01 28.63
N VAL A 288 7.64 10.43 27.77
CA VAL A 288 8.93 9.95 28.26
C VAL A 288 9.85 11.12 28.59
N ALA A 289 9.73 12.24 27.86
CA ALA A 289 10.57 13.40 28.13
C ALA A 289 10.29 14.03 29.49
N SER A 290 9.20 13.63 30.16
CA SER A 290 8.85 14.16 31.46
C SER A 290 8.99 13.15 32.60
N CYS A 291 9.15 11.87 32.29
CA CYS A 291 9.22 10.84 33.32
C CYS A 291 10.49 10.99 34.14
N PRO A 292 10.55 10.33 35.30
CA PRO A 292 11.76 10.43 36.14
C PRO A 292 12.99 9.75 35.55
N ASN A 293 12.83 8.66 34.81
CA ASN A 293 13.96 7.95 34.21
C ASN A 293 14.83 8.92 33.41
N ALA A 294 16.01 9.24 33.92
CA ALA A 294 16.83 10.29 33.32
C ALA A 294 17.38 9.85 31.97
N ILE A 295 17.73 8.58 31.82
CA ILE A 295 18.31 8.11 30.56
C ILE A 295 17.30 8.26 29.43
N ALA A 296 16.12 7.65 29.60
CA ALA A 296 15.12 7.69 28.53
C ALA A 296 14.64 9.12 28.30
N SER A 297 14.46 9.89 29.38
CA SER A 297 13.97 11.25 29.26
C SER A 297 14.89 12.11 28.41
N LYS A 298 16.20 11.99 28.62
CA LYS A 298 17.13 12.81 27.83
C LYS A 298 17.06 12.44 26.36
N PHE A 299 16.97 11.16 26.04
CA PHE A 299 16.92 10.73 24.65
C PHE A 299 15.65 11.23 23.97
N ALA A 300 14.51 11.07 24.63
CA ALA A 300 13.25 11.52 24.06
C ALA A 300 13.22 13.03 23.86
N ALA A 301 13.80 13.78 24.81
CA ALA A 301 13.84 15.23 24.67
C ALA A 301 14.69 15.63 23.46
N GLN A 302 15.84 14.99 23.30
CA GLN A 302 16.68 15.28 22.14
C GLN A 302 15.95 14.89 20.86
N ALA A 303 15.17 13.82 20.89
CA ALA A 303 14.38 13.42 19.74
C ALA A 303 13.38 14.51 19.35
N LEU A 304 12.65 15.04 20.35
CA LEU A 304 11.69 16.10 20.08
C LEU A 304 12.37 17.35 19.54
N ARG A 305 13.52 17.71 20.09
CA ARG A 305 14.24 18.87 19.56
C ARG A 305 14.66 18.62 18.12
N LEU A 306 15.13 17.40 17.84
CA LEU A 306 15.52 17.07 16.47
C LEU A 306 14.32 17.08 15.53
N ILE A 307 13.14 16.76 16.05
CA ILE A 307 11.92 16.73 15.25
C ILE A 307 11.44 18.16 15.03
N LYS B 2 -9.83 6.47 21.74
CA LYS B 2 -10.90 6.28 20.77
C LYS B 2 -10.48 6.89 19.43
N SER B 3 -10.24 8.19 19.40
CA SER B 3 -9.55 8.77 18.25
C SER B 3 -8.19 8.11 18.07
N GLN B 4 -7.49 7.84 19.18
CA GLN B 4 -6.12 7.35 19.08
C GLN B 4 -6.04 5.98 18.42
N TYR B 5 -7.13 5.22 18.38
CA TYR B 5 -7.13 3.88 17.81
C TYR B 5 -7.78 3.79 16.44
N LEU B 6 -8.35 4.90 15.95
CA LEU B 6 -8.97 4.89 14.62
C LEU B 6 -7.97 4.44 13.56
N GLU B 7 -6.71 4.85 13.69
CA GLU B 7 -5.71 4.54 12.68
C GLU B 7 -5.54 3.04 12.48
N LYS B 8 -5.82 2.23 13.50
CA LYS B 8 -5.66 0.78 13.39
C LYS B 8 -6.69 0.12 12.48
N ILE B 9 -7.84 0.77 12.26
CA ILE B 9 -8.89 0.21 11.41
C ILE B 9 -8.46 0.15 9.94
N ASN B 10 -7.60 1.07 9.52
N ASN B 10 -7.61 1.08 9.48
CA ASN B 10 -7.22 1.17 8.12
CA ASN B 10 -7.27 1.13 8.07
C ASN B 10 -6.79 -0.18 7.56
C ASN B 10 -6.82 -0.24 7.55
N GLU B 11 -5.98 -0.92 8.32
CA GLU B 11 -5.49 -2.23 7.87
C GLU B 11 -6.62 -3.24 7.83
N VAL B 12 -7.56 -3.19 8.77
CA VAL B 12 -8.65 -4.16 8.79
C VAL B 12 -9.53 -3.98 7.55
N ILE B 13 -9.88 -2.74 7.22
CA ILE B 13 -10.77 -2.54 6.09
C ILE B 13 -10.06 -2.89 4.78
N ARG B 14 -8.78 -2.55 4.64
CA ARG B 14 -8.09 -2.90 3.40
C ARG B 14 -8.08 -4.41 3.19
N ARG B 15 -7.81 -5.18 4.25
CA ARG B 15 -7.82 -6.63 4.11
C ARG B 15 -9.23 -7.15 3.82
N ALA B 16 -10.24 -6.53 4.42
CA ALA B 16 -11.62 -6.95 4.18
C ALA B 16 -11.99 -6.81 2.71
N TRP B 17 -11.72 -5.64 2.12
CA TRP B 17 -12.04 -5.46 0.70
C TRP B 17 -11.30 -6.46 -0.16
N ALA B 18 -10.09 -6.85 0.24
CA ALA B 18 -9.24 -7.70 -0.61
C ALA B 18 -9.68 -9.15 -0.66
N VAL B 19 -10.62 -9.58 0.19
CA VAL B 19 -11.06 -10.97 0.15
C VAL B 19 -11.82 -11.22 -1.16
N PRO B 20 -11.34 -12.10 -2.03
CA PRO B 20 -12.07 -12.37 -3.27
C PRO B 20 -13.49 -12.84 -3.00
N THR B 21 -14.41 -12.39 -3.86
CA THR B 21 -15.83 -12.70 -3.81
C THR B 21 -16.51 -12.10 -2.58
N HIS B 22 -16.04 -12.44 -1.38
CA HIS B 22 -16.73 -12.01 -0.16
C HIS B 22 -16.36 -10.61 0.27
N GLY B 23 -15.28 -10.02 -0.25
CA GLY B 23 -14.83 -8.71 0.19
C GLY B 23 -15.85 -7.60 -0.01
N HIS B 24 -16.70 -7.74 -1.02
CA HIS B 24 -17.77 -6.76 -1.22
C HIS B 24 -18.65 -6.63 0.02
N GLU B 25 -19.13 -7.76 0.54
CA GLU B 25 -20.01 -7.73 1.69
C GLU B 25 -19.26 -7.33 2.94
N LEU B 26 -18.04 -7.83 3.10
CA LEU B 26 -17.26 -7.55 4.29
C LEU B 26 -16.90 -6.07 4.39
N GLY B 27 -16.40 -5.50 3.29
CA GLY B 27 -16.08 -4.09 3.29
C GLY B 27 -17.29 -3.21 3.51
N TYR B 28 -18.40 -3.52 2.81
CA TYR B 28 -19.60 -2.71 3.02
C TYR B 28 -20.05 -2.78 4.47
N SER B 29 -19.95 -3.95 5.09
N SER B 29 -19.95 -3.96 5.09
CA SER B 29 -20.42 -4.07 6.48
CA SER B 29 -20.39 -4.12 6.48
C SER B 29 -19.55 -3.25 7.42
C SER B 29 -19.55 -3.25 7.41
N LEU B 30 -18.23 -3.29 7.25
CA LEU B 30 -17.38 -2.46 8.10
C LEU B 30 -17.62 -0.97 7.86
N CYS B 31 -17.74 -0.56 6.60
CA CYS B 31 -17.91 0.87 6.36
C CYS B 31 -19.26 1.35 6.87
N ASN B 32 -20.29 0.52 6.76
CA ASN B 32 -21.58 0.89 7.35
C ASN B 32 -21.46 0.97 8.86
N SER B 33 -20.70 0.05 9.48
CA SER B 33 -20.52 0.11 10.93
C SER B 33 -19.85 1.41 11.35
N LEU B 34 -18.85 1.85 10.58
CA LEU B 34 -18.15 3.10 10.88
C LEU B 34 -19.12 4.28 10.92
N ARG B 35 -20.07 4.33 10.00
CA ARG B 35 -21.06 5.40 10.04
C ARG B 35 -21.97 5.25 11.24
N GLN B 36 -22.51 4.05 11.44
CA GLN B 36 -23.49 3.82 12.49
C GLN B 36 -22.91 4.11 13.86
N SER B 37 -21.63 3.78 14.07
CA SER B 37 -21.01 3.93 15.38
C SER B 37 -20.57 5.35 15.69
N GLY B 38 -20.69 6.28 14.74
CA GLY B 38 -20.19 7.62 14.90
C GLY B 38 -18.75 7.80 14.48
N GLY B 39 -18.10 6.73 14.04
CA GLY B 39 -16.71 6.84 13.65
C GLY B 39 -16.52 7.69 12.41
N LEU B 40 -17.47 7.64 11.48
CA LEU B 40 -17.35 8.48 10.29
C LEU B 40 -17.40 9.95 10.67
N ASP B 41 -18.30 10.31 11.58
CA ASP B 41 -18.34 11.69 12.04
C ASP B 41 -17.04 12.08 12.74
N LEU B 42 -16.47 11.15 13.51
CA LEU B 42 -15.20 11.44 14.18
C LEU B 42 -14.09 11.64 13.16
N LEU B 43 -14.08 10.85 12.08
CA LEU B 43 -13.09 11.03 11.03
C LEU B 43 -13.21 12.39 10.37
N MET B 44 -14.44 12.84 10.13
N MET B 44 -14.44 12.85 10.13
CA MET B 44 -14.64 14.15 9.51
CA MET B 44 -14.61 14.16 9.51
C MET B 44 -14.25 15.28 10.46
C MET B 44 -14.24 15.27 10.47
N LYS B 45 -14.49 15.10 11.77
CA LYS B 45 -14.03 16.08 12.74
C LYS B 45 -12.52 16.12 12.82
N ASN B 46 -11.88 14.95 12.70
CA ASN B 46 -10.44 14.87 12.91
C ASN B 46 -9.62 15.21 11.67
N CYS B 47 -10.22 15.22 10.48
CA CYS B 47 -9.38 15.34 9.30
C CYS B 47 -8.84 16.74 9.10
N VAL B 48 -9.31 17.71 9.88
CA VAL B 48 -8.76 19.07 9.87
C VAL B 48 -7.77 19.30 10.99
N LYS B 49 -7.51 18.30 11.82
CA LYS B 49 -6.51 18.38 12.87
C LYS B 49 -5.18 17.87 12.35
N PRO B 50 -4.12 18.68 12.35
CA PRO B 50 -2.85 18.24 11.75
C PRO B 50 -2.32 16.92 12.29
N ASP B 51 -2.56 16.60 13.57
CA ASP B 51 -2.01 15.36 14.11
C ASP B 51 -2.75 14.13 13.57
N LEU B 52 -4.02 14.29 13.21
CA LEU B 52 -4.85 13.18 12.77
C LEU B 52 -5.25 13.27 11.30
N GLN B 53 -4.69 14.23 10.56
CA GLN B 53 -5.16 14.53 9.22
C GLN B 53 -4.96 13.35 8.28
N PHE B 54 -3.73 12.87 8.18
CA PHE B 54 -3.47 11.82 7.21
C PHE B 54 -4.16 10.51 7.59
N SER B 55 -4.07 10.09 8.85
N SER B 55 -4.06 10.11 8.86
CA SER B 55 -4.69 8.82 9.23
CA SER B 55 -4.69 8.86 9.29
C SER B 55 -6.20 8.88 9.06
C SER B 55 -6.19 8.90 9.05
N SER B 56 -6.81 10.05 9.26
CA SER B 56 -8.24 10.19 9.02
C SER B 56 -8.56 10.05 7.53
N ALA B 57 -7.79 10.74 6.68
CA ALA B 57 -8.05 10.68 5.25
C ALA B 57 -7.86 9.27 4.72
N GLN B 58 -6.86 8.57 5.24
CA GLN B 58 -6.59 7.22 4.78
C GLN B 58 -7.76 6.28 5.03
N LEU B 59 -8.42 6.42 6.17
CA LEU B 59 -9.58 5.57 6.43
C LEU B 59 -10.80 6.05 5.66
N LEU B 60 -11.02 7.37 5.61
CA LEU B 60 -12.10 7.89 4.78
C LEU B 60 -12.03 7.34 3.38
N GLU B 61 -10.81 7.29 2.83
CA GLU B 61 -10.65 6.90 1.43
C GLU B 61 -11.17 5.49 1.19
N GLN B 62 -11.14 4.64 2.21
CA GLN B 62 -11.54 3.25 2.08
C GLN B 62 -13.01 2.99 2.38
N CYS B 63 -13.75 4.01 2.82
CA CYS B 63 -15.12 3.78 3.25
C CYS B 63 -16.09 4.80 2.66
N LEU B 64 -15.79 5.32 1.47
CA LEU B 64 -16.69 6.21 0.76
C LEU B 64 -17.61 5.41 -0.16
N THR B 65 -18.36 4.53 0.50
CA THR B 65 -19.36 3.68 -0.10
C THR B 65 -20.65 4.47 -0.35
N THR B 66 -21.64 3.81 -0.94
CA THR B 66 -22.84 4.51 -1.39
C THR B 66 -23.45 5.38 -0.29
N GLU B 67 -23.75 4.79 0.87
CA GLU B 67 -24.43 5.56 1.90
C GLU B 67 -23.47 6.49 2.64
N ASN B 68 -22.19 6.15 2.71
CA ASN B 68 -21.25 7.03 3.39
C ASN B 68 -20.97 8.27 2.56
N ARG B 69 -21.04 8.16 1.23
CA ARG B 69 -20.93 9.35 0.39
C ARG B 69 -22.07 10.32 0.68
N LYS B 70 -23.28 9.81 0.80
CA LYS B 70 -24.42 10.66 1.14
C LYS B 70 -24.18 11.34 2.49
N HIS B 71 -23.66 10.60 3.47
CA HIS B 71 -23.38 11.17 4.79
C HIS B 71 -22.35 12.28 4.71
N VAL B 72 -21.27 12.08 3.96
CA VAL B 72 -20.27 13.13 3.81
C VAL B 72 -20.87 14.35 3.12
N VAL B 73 -21.61 14.12 2.04
CA VAL B 73 -22.24 15.22 1.33
C VAL B 73 -23.08 16.06 2.27
N ASP B 74 -23.81 15.39 3.17
CA ASP B 74 -24.73 16.08 4.06
C ASP B 74 -24.03 16.74 5.24
N ASN B 75 -22.86 16.24 5.64
CA ASN B 75 -22.27 16.69 6.91
C ASN B 75 -20.90 17.36 6.79
N GLY B 76 -20.12 17.10 5.76
CA GLY B 76 -18.87 17.83 5.65
C GLY B 76 -18.13 17.69 4.35
N LEU B 77 -18.80 17.97 3.24
CA LEU B 77 -18.14 17.78 1.95
C LEU B 77 -16.92 18.68 1.81
N ASP B 78 -17.03 19.94 2.24
CA ASP B 78 -15.91 20.85 2.04
C ASP B 78 -14.67 20.38 2.78
N LYS B 79 -14.84 19.86 4.01
CA LYS B 79 -13.69 19.36 4.75
C LYS B 79 -13.04 18.16 4.07
N VAL B 80 -13.85 17.24 3.55
CA VAL B 80 -13.27 16.05 2.94
C VAL B 80 -12.60 16.39 1.62
N VAL B 81 -13.22 17.25 0.81
CA VAL B 81 -12.52 17.68 -0.39
C VAL B 81 -11.26 18.45 -0.02
N ASN B 82 -11.35 19.31 1.00
CA ASN B 82 -10.17 20.07 1.40
C ASN B 82 -9.04 19.13 1.80
N VAL B 83 -9.34 18.12 2.65
CA VAL B 83 -8.28 17.20 3.07
C VAL B 83 -7.72 16.45 1.87
N ALA B 84 -8.58 16.06 0.94
CA ALA B 84 -8.08 15.36 -0.22
C ALA B 84 -7.11 16.24 -1.00
N CYS B 85 -7.41 17.53 -1.12
CA CYS B 85 -6.52 18.43 -1.86
C CYS B 85 -5.21 18.63 -1.12
N VAL B 86 -5.26 18.74 0.21
CA VAL B 86 -4.04 18.76 1.01
C VAL B 86 -3.17 17.55 0.69
N CYS B 87 -3.79 16.36 0.60
CA CYS B 87 -3.02 15.15 0.36
C CYS B 87 -2.37 15.16 -1.02
N THR B 88 -3.03 15.73 -2.02
CA THR B 88 -2.43 15.77 -3.36
C THR B 88 -1.29 16.79 -3.44
N LYS B 89 -1.32 17.84 -2.60
CA LYS B 89 -0.21 18.80 -2.57
C LYS B 89 1.00 18.24 -1.84
N ASN B 90 0.79 17.33 -0.89
CA ASN B 90 1.90 16.72 -0.17
C ASN B 90 2.75 15.87 -1.12
N SER B 91 4.06 15.87 -0.89
CA SER B 91 4.99 15.25 -1.82
C SER B 91 4.92 13.72 -1.79
N ASN B 92 4.48 13.16 -0.68
CA ASN B 92 4.49 11.70 -0.51
C ASN B 92 3.52 11.01 -1.45
N MET B 93 4.00 9.97 -2.13
CA MET B 93 3.11 9.19 -3.00
C MET B 93 2.02 8.50 -2.19
N GLU B 94 2.33 8.10 -0.95
CA GLU B 94 1.30 7.49 -0.11
C GLU B 94 0.16 8.46 0.10
N HIS B 95 0.47 9.75 0.28
CA HIS B 95 -0.55 10.77 0.44
C HIS B 95 -1.30 11.03 -0.86
N SER B 96 -0.59 10.98 -1.99
N SER B 96 -0.60 10.99 -2.00
CA SER B 96 -1.23 11.28 -3.27
CA SER B 96 -1.24 11.29 -3.27
C SER B 96 -2.25 10.21 -3.65
C SER B 96 -2.25 10.22 -3.66
N ARG B 97 -1.95 8.96 -3.35
CA ARG B 97 -2.91 7.90 -3.60
C ARG B 97 -4.19 8.13 -2.81
N VAL B 98 -4.06 8.59 -1.56
CA VAL B 98 -5.22 8.78 -0.71
C VAL B 98 -6.06 9.95 -1.21
N GLY B 99 -5.40 11.07 -1.53
CA GLY B 99 -6.14 12.23 -2.00
C GLY B 99 -6.90 11.95 -3.27
N THR B 100 -6.23 11.34 -4.26
CA THR B 100 -6.93 11.05 -5.50
C THR B 100 -8.00 9.98 -5.33
N GLY B 101 -7.77 9.03 -4.41
CA GLY B 101 -8.81 8.05 -4.13
C GLY B 101 -10.06 8.68 -3.56
N ILE B 102 -9.90 9.62 -2.63
CA ILE B 102 -11.06 10.31 -2.08
C ILE B 102 -11.83 11.00 -3.19
N LEU B 103 -11.12 11.71 -4.06
CA LEU B 103 -11.80 12.48 -5.11
C LEU B 103 -12.47 11.56 -6.11
N GLU B 104 -11.81 10.44 -6.44
CA GLU B 104 -12.44 9.43 -7.29
C GLU B 104 -13.83 9.06 -6.77
N HIS B 105 -13.94 8.84 -5.46
CA HIS B 105 -15.20 8.35 -4.92
C HIS B 105 -16.21 9.46 -4.72
N LEU B 106 -15.77 10.69 -4.45
CA LEU B 106 -16.73 11.79 -4.32
C LEU B 106 -17.36 12.15 -5.66
N PHE B 107 -16.78 11.71 -6.78
CA PHE B 107 -17.41 11.93 -8.07
C PHE B 107 -18.47 10.85 -8.40
N LYS B 108 -18.84 10.01 -7.43
N LYS B 108 -18.85 10.01 -7.44
CA LYS B 108 -19.79 8.92 -7.64
CA LYS B 108 -19.80 8.92 -7.65
C LYS B 108 -21.08 9.11 -6.85
C LYS B 108 -21.07 9.11 -6.83
N HIS B 109 -21.52 10.35 -6.68
CA HIS B 109 -22.72 10.60 -5.88
C HIS B 109 -23.86 11.17 -6.71
N SER B 110 -23.69 12.35 -7.32
CA SER B 110 -24.75 13.05 -8.04
C SER B 110 -24.16 14.17 -8.89
N GLU B 111 -24.98 14.67 -9.82
CA GLU B 111 -24.60 15.85 -10.59
C GLU B 111 -24.25 17.01 -9.68
N GLY B 112 -25.09 17.28 -8.69
CA GLY B 112 -24.86 18.42 -7.82
C GLY B 112 -23.58 18.30 -7.03
N THR B 113 -23.28 17.09 -6.54
CA THR B 113 -22.04 16.90 -5.80
C THR B 113 -20.82 17.00 -6.70
N CYS B 114 -20.91 16.50 -7.93
CA CYS B 114 -19.83 16.74 -8.88
C CYS B 114 -19.56 18.23 -9.06
N SER B 115 -20.61 19.04 -9.20
CA SER B 115 -20.43 20.48 -9.34
C SER B 115 -19.74 21.06 -8.11
N ASP B 116 -20.14 20.62 -6.91
CA ASP B 116 -19.53 21.13 -5.69
C ASP B 116 -18.06 20.73 -5.58
N VAL B 117 -17.74 19.47 -5.91
CA VAL B 117 -16.35 19.03 -5.86
C VAL B 117 -15.49 19.84 -6.84
N ILE B 118 -16.01 20.13 -8.04
CA ILE B 118 -15.26 20.94 -9.00
C ILE B 118 -15.02 22.33 -8.44
N ARG B 119 -16.06 22.93 -7.86
CA ARG B 119 -15.94 24.26 -7.28
C ARG B 119 -14.85 24.30 -6.22
N LEU B 120 -14.77 23.27 -5.40
CA LEU B 120 -13.84 23.24 -4.29
C LEU B 120 -12.41 22.89 -4.69
N GLY B 121 -12.15 22.58 -5.97
CA GLY B 121 -10.82 22.30 -6.45
C GLY B 121 -10.52 20.84 -6.74
N GLY B 122 -11.51 19.94 -6.62
CA GLY B 122 -11.22 18.52 -6.73
C GLY B 122 -10.80 18.11 -8.13
N LEU B 123 -11.41 18.70 -9.15
CA LEU B 123 -11.04 18.35 -10.52
C LEU B 123 -9.64 18.85 -10.85
N ASP B 124 -9.33 20.08 -10.43
CA ASP B 124 -7.98 20.62 -10.62
C ASP B 124 -6.94 19.73 -9.93
N ALA B 125 -7.26 19.23 -8.74
CA ALA B 125 -6.33 18.34 -8.06
C ALA B 125 -6.14 17.03 -8.84
N VAL B 126 -7.22 16.47 -9.39
CA VAL B 126 -7.09 15.23 -10.15
C VAL B 126 -6.25 15.46 -11.41
N LEU B 127 -6.54 16.54 -12.14
CA LEU B 127 -5.79 16.81 -13.36
C LEU B 127 -4.32 17.08 -13.04
N PHE B 128 -4.06 17.77 -11.94
CA PHE B 128 -2.68 17.98 -11.54
C PHE B 128 -1.96 16.66 -11.32
N GLU B 129 -2.60 15.73 -10.63
CA GLU B 129 -1.95 14.45 -10.38
C GLU B 129 -1.83 13.60 -11.64
N CYS B 130 -2.50 13.94 -12.73
CA CYS B 130 -2.29 13.15 -13.94
C CYS B 130 -0.85 13.25 -14.46
N ARG B 131 -0.06 14.20 -13.96
CA ARG B 131 1.33 14.33 -14.37
C ARG B 131 2.24 13.28 -13.73
N THR B 132 1.76 12.55 -12.73
CA THR B 132 2.61 11.61 -12.00
C THR B 132 2.87 10.36 -12.84
N SER B 133 3.84 9.57 -12.37
CA SER B 133 4.13 8.25 -12.94
C SER B 133 3.69 7.12 -12.04
N ASP B 134 3.23 7.40 -10.84
CA ASP B 134 2.78 6.38 -9.92
C ASP B 134 1.52 5.71 -10.48
N LEU B 135 1.60 4.40 -10.69
CA LEU B 135 0.50 3.71 -11.36
C LEU B 135 -0.79 3.79 -10.56
N GLU B 136 -0.72 3.60 -9.24
CA GLU B 136 -1.94 3.62 -8.46
C GLU B 136 -2.61 4.99 -8.49
N THR B 137 -1.82 6.06 -8.38
CA THR B 137 -2.38 7.40 -8.47
C THR B 137 -3.08 7.61 -9.81
N LEU B 138 -2.41 7.20 -10.89
CA LEU B 138 -2.96 7.40 -12.22
C LEU B 138 -4.22 6.59 -12.42
N ARG B 139 -4.27 5.38 -11.84
CA ARG B 139 -5.49 4.58 -11.90
C ARG B 139 -6.64 5.30 -11.20
N HIS B 140 -6.37 5.88 -10.03
CA HIS B 140 -7.38 6.70 -9.37
C HIS B 140 -7.82 7.88 -10.25
N CYS B 141 -6.88 8.54 -10.91
CA CYS B 141 -7.21 9.68 -11.77
C CYS B 141 -8.12 9.27 -12.91
N ALA B 142 -7.78 8.19 -13.61
CA ALA B 142 -8.61 7.72 -14.71
C ALA B 142 -10.00 7.31 -14.24
N SER B 143 -10.07 6.59 -13.12
CA SER B 143 -11.37 6.21 -12.56
CA SER B 143 -11.37 6.22 -12.57
C SER B 143 -12.17 7.45 -12.16
N ALA B 144 -11.49 8.44 -11.55
CA ALA B 144 -12.19 9.65 -11.15
C ALA B 144 -12.83 10.34 -12.35
N LEU B 145 -12.10 10.40 -13.46
CA LEU B 145 -12.61 11.06 -14.65
C LEU B 145 -13.75 10.26 -15.28
N ALA B 146 -13.65 8.93 -15.26
CA ALA B 146 -14.77 8.09 -15.68
C ALA B 146 -15.99 8.35 -14.81
N ASN B 147 -15.80 8.44 -13.50
CA ASN B 147 -16.94 8.67 -12.61
C ASN B 147 -17.56 10.04 -12.87
N LEU B 148 -16.73 11.08 -12.98
CA LEU B 148 -17.24 12.42 -13.29
C LEU B 148 -17.99 12.42 -14.62
N SER B 149 -17.48 11.70 -15.61
CA SER B 149 -18.16 11.61 -16.89
C SER B 149 -19.54 10.98 -16.74
N LEU B 150 -19.65 9.93 -15.90
CA LEU B 150 -20.91 9.21 -15.72
C LEU B 150 -21.92 10.00 -14.90
N TYR B 151 -21.46 10.70 -13.85
CA TYR B 151 -22.33 11.31 -12.87
C TYR B 151 -22.51 12.82 -13.04
N GLY B 152 -21.69 13.47 -13.85
CA GLY B 152 -21.61 14.92 -13.85
C GLY B 152 -22.74 15.64 -14.56
N GLY B 153 -23.28 15.04 -15.62
CA GLY B 153 -24.32 15.70 -16.39
C GLY B 153 -23.80 16.79 -17.31
N ALA B 154 -24.75 17.43 -18.00
CA ALA B 154 -24.39 18.34 -19.10
C ALA B 154 -23.69 19.58 -18.58
N GLU B 155 -24.20 20.19 -17.52
CA GLU B 155 -23.53 21.36 -16.95
C GLU B 155 -22.07 21.06 -16.67
N ASN B 156 -21.79 19.92 -16.05
CA ASN B 156 -20.41 19.64 -15.67
C ASN B 156 -19.57 19.20 -16.85
N GLN B 157 -20.19 18.68 -17.91
CA GLN B 157 -19.43 18.39 -19.12
C GLN B 157 -18.85 19.66 -19.71
N GLU B 158 -19.65 20.73 -19.77
CA GLU B 158 -19.14 22.02 -20.23
C GLU B 158 -17.95 22.47 -19.40
N GLU B 159 -18.01 22.25 -18.08
CA GLU B 159 -16.89 22.59 -17.21
C GLU B 159 -15.68 21.72 -17.49
N MET B 160 -15.88 20.45 -17.83
CA MET B 160 -14.77 19.60 -18.21
C MET B 160 -14.12 20.12 -19.49
N ILE B 161 -14.93 20.63 -20.42
CA ILE B 161 -14.40 21.16 -21.66
C ILE B 161 -13.54 22.39 -21.39
N LEU B 162 -14.03 23.31 -20.55
CA LEU B 162 -13.26 24.52 -20.28
C LEU B 162 -11.90 24.19 -19.67
N ARG B 163 -11.84 23.21 -18.79
CA ARG B 163 -10.59 22.81 -18.16
C ARG B 163 -9.77 21.86 -19.03
N LYS B 164 -10.24 21.56 -20.24
CA LYS B 164 -9.50 20.73 -21.20
C LYS B 164 -9.31 19.30 -20.71
N VAL B 165 -10.36 18.74 -20.08
CA VAL B 165 -10.27 17.36 -19.60
C VAL B 165 -9.97 16.39 -20.72
N PRO B 166 -10.63 16.44 -21.88
CA PRO B 166 -10.31 15.47 -22.94
C PRO B 166 -8.83 15.41 -23.23
N MET B 167 -8.15 16.56 -23.16
CA MET B 167 -6.72 16.59 -23.40
C MET B 167 -5.97 15.72 -22.40
N TRP B 168 -6.34 15.80 -21.11
CA TRP B 168 -5.70 14.98 -20.10
C TRP B 168 -6.10 13.52 -20.21
N LEU B 169 -7.31 13.26 -20.72
CA LEU B 169 -7.77 11.88 -20.83
C LEU B 169 -7.02 11.12 -21.92
N PHE B 170 -6.78 11.74 -23.06
CA PHE B 170 -6.23 10.98 -24.18
C PHE B 170 -4.90 10.34 -23.83
N PRO B 171 -3.95 11.02 -23.18
CA PRO B 171 -2.71 10.32 -22.78
C PRO B 171 -2.96 9.15 -21.86
N LEU B 172 -3.99 9.23 -21.02
CA LEU B 172 -4.28 8.09 -20.15
C LEU B 172 -4.80 6.91 -20.95
N ALA B 173 -5.58 7.18 -22.01
CA ALA B 173 -6.12 6.11 -22.82
C ALA B 173 -5.01 5.32 -23.50
N PHE B 174 -3.93 6.01 -23.89
CA PHE B 174 -2.80 5.37 -24.56
C PHE B 174 -1.80 4.76 -23.59
N HIS B 175 -2.03 4.85 -22.29
CA HIS B 175 -1.11 4.27 -21.32
C HIS B 175 -1.00 2.76 -21.49
N ASN B 176 0.19 2.23 -21.21
N ASN B 176 0.20 2.23 -21.20
CA ASN B 176 0.44 0.80 -21.33
CA ASN B 176 0.43 0.79 -21.33
C ASN B 176 -0.27 -0.02 -20.27
C ASN B 176 -0.33 -0.01 -20.28
N ASP B 177 -0.60 0.59 -19.13
CA ASP B 177 -1.25 -0.13 -18.04
C ASP B 177 -2.73 -0.32 -18.38
N ASP B 178 -3.19 -1.57 -18.33
CA ASP B 178 -4.52 -1.88 -18.81
C ASP B 178 -5.59 -1.17 -17.99
N ASN B 179 -5.37 -0.99 -16.69
CA ASN B 179 -6.40 -0.40 -15.86
C ASN B 179 -6.55 1.10 -16.13
N ILE B 180 -5.43 1.80 -16.30
CA ILE B 180 -5.50 3.21 -16.67
C ILE B 180 -6.16 3.36 -18.04
N LYS B 181 -5.72 2.58 -19.01
CA LYS B 181 -6.28 2.64 -20.36
C LYS B 181 -7.78 2.42 -20.33
N TYR B 182 -8.22 1.40 -19.59
CA TYR B 182 -9.63 1.01 -19.61
C TYR B 182 -10.53 2.11 -19.06
N TYR B 183 -10.20 2.65 -17.89
CA TYR B 183 -11.10 3.65 -17.31
C TYR B 183 -11.04 4.98 -18.06
N ALA B 184 -9.88 5.34 -18.61
CA ALA B 184 -9.84 6.49 -19.50
C ALA B 184 -10.71 6.25 -20.73
N CYS B 185 -10.64 5.05 -21.30
CA CYS B 185 -11.46 4.75 -22.46
C CYS B 185 -12.95 4.72 -22.11
N LEU B 186 -13.28 4.24 -20.90
CA LEU B 186 -14.67 4.31 -20.49
C LEU B 186 -15.13 5.75 -20.37
N ALA B 187 -14.30 6.62 -19.78
CA ALA B 187 -14.64 8.03 -19.71
C ALA B 187 -14.87 8.59 -21.10
N ILE B 188 -14.03 8.22 -22.05
CA ILE B 188 -14.15 8.74 -23.40
C ILE B 188 -15.45 8.25 -24.03
N ALA B 189 -15.75 6.95 -23.86
CA ALA B 189 -16.96 6.37 -24.42
C ALA B 189 -18.22 7.04 -23.89
N VAL B 190 -18.20 7.43 -22.62
CA VAL B 190 -19.33 8.17 -22.05
C VAL B 190 -19.40 9.58 -22.66
N LEU B 191 -18.26 10.25 -22.79
CA LEU B 191 -18.28 11.64 -23.20
C LEU B 191 -18.55 11.84 -24.69
N VAL B 192 -18.41 10.80 -25.52
CA VAL B 192 -18.67 11.00 -26.94
C VAL B 192 -20.16 11.25 -27.19
N ALA B 193 -21.03 10.93 -26.21
CA ALA B 193 -22.43 11.33 -26.32
C ALA B 193 -22.57 12.84 -26.42
N ASN B 194 -21.56 13.60 -26.02
CA ASN B 194 -21.57 15.06 -26.15
C ASN B 194 -20.91 15.44 -27.46
N LYS B 195 -21.67 16.06 -28.36
CA LYS B 195 -21.17 16.23 -29.72
C LYS B 195 -19.98 17.19 -29.77
N GLU B 196 -19.92 18.16 -28.87
CA GLU B 196 -18.73 19.01 -28.82
C GLU B 196 -17.49 18.18 -28.49
N ILE B 197 -17.59 17.26 -27.53
CA ILE B 197 -16.46 16.41 -27.19
C ILE B 197 -16.23 15.34 -28.25
N GLU B 198 -17.30 14.84 -28.89
CA GLU B 198 -17.14 13.76 -29.85
C GLU B 198 -16.12 14.13 -30.93
N ALA B 199 -16.17 15.36 -31.43
CA ALA B 199 -15.25 15.76 -32.49
C ALA B 199 -13.81 15.60 -32.05
N GLU B 200 -13.48 16.07 -30.85
CA GLU B 200 -12.12 15.93 -30.35
C GLU B 200 -11.74 14.46 -30.17
N VAL B 201 -12.68 13.64 -29.72
CA VAL B 201 -12.38 12.22 -29.54
C VAL B 201 -12.01 11.59 -30.88
N LEU B 202 -12.78 11.91 -31.93
CA LEU B 202 -12.50 11.31 -33.23
C LEU B 202 -11.10 11.69 -33.72
N LYS B 203 -10.71 12.96 -33.55
CA LYS B 203 -9.37 13.36 -33.96
C LYS B 203 -8.30 12.59 -33.20
N SER B 204 -8.53 12.34 -31.91
CA SER B 204 -7.51 11.71 -31.09
C SER B 204 -7.18 10.27 -31.54
N GLY B 205 -8.17 9.55 -32.05
CA GLY B 205 -8.01 8.15 -32.41
C GLY B 205 -8.07 7.16 -31.26
N CYS B 206 -8.36 7.64 -30.05
N CYS B 206 -8.32 7.60 -30.04
CA CYS B 206 -8.39 6.77 -28.88
CA CYS B 206 -8.28 6.65 -28.94
C CYS B 206 -9.37 5.62 -29.05
C CYS B 206 -9.37 5.59 -29.02
N LEU B 207 -10.46 5.86 -29.75
CA LEU B 207 -11.49 4.82 -29.89
C LEU B 207 -10.95 3.58 -30.58
N ASP B 208 -9.90 3.74 -31.39
CA ASP B 208 -9.26 2.61 -32.04
C ASP B 208 -8.55 1.69 -31.05
N LEU B 209 -8.42 2.11 -29.80
CA LEU B 209 -7.82 1.25 -28.79
C LEU B 209 -8.79 0.19 -28.28
N VAL B 210 -10.10 0.36 -28.52
CA VAL B 210 -11.09 -0.51 -27.90
C VAL B 210 -11.01 -1.91 -28.50
N GLU B 211 -11.09 -2.03 -29.82
CA GLU B 211 -11.15 -3.37 -30.42
C GLU B 211 -9.94 -4.21 -30.02
N PRO B 212 -8.70 -3.73 -30.13
CA PRO B 212 -7.56 -4.51 -29.63
C PRO B 212 -7.70 -4.87 -28.16
N PHE B 213 -8.25 -3.98 -27.33
CA PHE B 213 -8.35 -4.29 -25.91
C PHE B 213 -9.37 -5.38 -25.66
N VAL B 214 -10.60 -5.21 -26.17
CA VAL B 214 -11.65 -6.12 -25.78
C VAL B 214 -11.45 -7.50 -26.39
N THR B 215 -10.80 -7.59 -27.56
CA THR B 215 -10.54 -8.89 -28.15
C THR B 215 -9.31 -9.58 -27.57
N SER B 216 -8.50 -8.88 -26.77
CA SER B 216 -7.32 -9.48 -26.18
C SER B 216 -7.48 -9.83 -24.71
N HIS B 217 -8.57 -9.37 -24.07
CA HIS B 217 -8.78 -9.58 -22.64
C HIS B 217 -10.06 -10.38 -22.42
N ASP B 218 -9.96 -11.38 -21.55
CA ASP B 218 -11.14 -12.11 -21.12
C ASP B 218 -11.81 -11.34 -19.99
N PRO B 219 -13.10 -11.00 -20.11
CA PRO B 219 -13.73 -10.17 -19.07
C PRO B 219 -13.52 -10.70 -17.67
N SER B 220 -13.62 -12.02 -17.50
CA SER B 220 -13.47 -12.61 -16.18
C SER B 220 -12.06 -12.40 -15.63
N ALA B 221 -11.04 -12.62 -16.46
CA ALA B 221 -9.68 -12.44 -15.99
C ALA B 221 -9.36 -10.97 -15.74
N PHE B 222 -9.90 -10.06 -16.56
CA PHE B 222 -9.63 -8.65 -16.35
C PHE B 222 -10.19 -8.19 -15.01
N ALA B 223 -11.37 -8.71 -14.63
CA ALA B 223 -11.94 -8.38 -13.34
C ALA B 223 -10.95 -8.64 -12.20
N ARG B 224 -10.30 -9.80 -12.21
CA ARG B 224 -9.39 -10.17 -11.14
C ARG B 224 -8.06 -9.42 -11.18
N SER B 225 -7.76 -8.70 -12.27
CA SER B 225 -6.43 -8.10 -12.42
C SER B 225 -6.21 -6.95 -11.45
N ASN B 226 -7.26 -6.31 -10.98
CA ASN B 226 -7.16 -5.18 -10.07
C ASN B 226 -8.13 -5.33 -8.91
N LEU B 227 -7.60 -5.31 -7.69
CA LEU B 227 -8.45 -5.48 -6.52
C LEU B 227 -9.53 -4.41 -6.44
N ALA B 228 -9.23 -3.18 -6.89
CA ALA B 228 -10.16 -2.08 -6.68
C ALA B 228 -11.47 -2.28 -7.43
N HIS B 229 -11.48 -3.02 -8.53
CA HIS B 229 -12.72 -3.26 -9.27
C HIS B 229 -13.05 -4.74 -9.36
N ALA B 230 -12.41 -5.58 -8.55
CA ALA B 230 -12.65 -7.02 -8.58
C ALA B 230 -14.07 -7.36 -8.14
N HIS B 231 -14.73 -6.49 -7.38
CA HIS B 231 -16.10 -6.71 -6.96
C HIS B 231 -17.10 -5.98 -7.83
N GLY B 232 -16.66 -5.35 -8.91
CA GLY B 232 -17.58 -4.66 -9.79
C GLY B 232 -18.07 -3.34 -9.23
N GLN B 233 -19.08 -2.80 -9.88
CA GLN B 233 -19.65 -1.50 -9.56
C GLN B 233 -21.07 -1.62 -9.05
N SER B 234 -21.55 -0.51 -8.48
CA SER B 234 -22.88 -0.43 -7.92
C SER B 234 -23.92 -0.25 -9.02
N LYS B 235 -25.17 -0.49 -8.65
CA LYS B 235 -26.29 -0.35 -9.59
C LYS B 235 -26.45 1.08 -10.06
N HIS B 236 -26.13 2.07 -9.23
CA HIS B 236 -26.25 3.45 -9.67
C HIS B 236 -25.21 3.80 -10.72
N TRP B 237 -24.00 3.25 -10.58
CA TRP B 237 -22.94 3.47 -11.55
C TRP B 237 -23.29 2.78 -12.86
N LEU B 238 -23.74 1.52 -12.76
CA LEU B 238 -24.08 0.78 -13.96
C LEU B 238 -25.28 1.37 -14.67
N LYS B 239 -26.26 1.86 -13.91
CA LYS B 239 -27.40 2.54 -14.51
C LYS B 239 -26.96 3.66 -15.44
N ARG B 240 -25.93 4.39 -15.05
N ARG B 240 -25.94 4.41 -15.05
CA ARG B 240 -25.47 5.52 -15.86
CA ARG B 240 -25.50 5.52 -15.88
C ARG B 240 -24.68 5.07 -17.08
C ARG B 240 -24.70 5.07 -17.10
N LEU B 241 -24.21 3.83 -17.10
CA LEU B 241 -23.49 3.31 -18.25
C LEU B 241 -24.43 2.70 -19.29
N VAL B 242 -25.65 2.33 -18.92
CA VAL B 242 -26.57 1.67 -19.85
C VAL B 242 -26.73 2.45 -21.15
N PRO B 243 -26.83 3.79 -21.13
CA PRO B 243 -26.98 4.51 -22.41
C PRO B 243 -25.83 4.27 -23.39
N VAL B 244 -24.64 3.91 -22.91
CA VAL B 244 -23.52 3.69 -23.82
C VAL B 244 -23.72 2.44 -24.67
N LEU B 245 -24.57 1.53 -24.24
CA LEU B 245 -24.89 0.37 -25.06
C LEU B 245 -25.51 0.77 -26.40
N SER B 246 -26.07 1.98 -26.49
CA SER B 246 -26.65 2.49 -27.73
C SER B 246 -25.94 3.76 -28.17
N SER B 247 -24.64 3.83 -27.90
CA SER B 247 -23.84 4.97 -28.29
C SER B 247 -23.89 5.17 -29.80
N ASN B 248 -23.62 6.41 -30.23
CA ASN B 248 -23.46 6.70 -31.65
C ASN B 248 -22.24 6.01 -32.24
N ARG B 249 -21.25 5.68 -31.42
CA ARG B 249 -19.97 5.17 -31.88
C ARG B 249 -19.87 3.68 -31.60
N GLU B 250 -19.59 2.91 -32.65
CA GLU B 250 -19.49 1.46 -32.51
C GLU B 250 -18.47 1.07 -31.45
N GLU B 251 -17.35 1.79 -31.35
CA GLU B 251 -16.31 1.39 -30.40
C GLU B 251 -16.80 1.55 -28.96
N ALA B 252 -17.57 2.60 -28.71
CA ALA B 252 -18.13 2.81 -27.38
C ALA B 252 -19.11 1.71 -27.01
N ARG B 253 -19.97 1.31 -27.96
CA ARG B 253 -20.87 0.18 -27.74
C ARG B 253 -20.09 -1.07 -27.38
N ASN B 254 -19.01 -1.34 -28.11
CA ASN B 254 -18.16 -2.49 -27.82
C ASN B 254 -17.62 -2.45 -26.40
N LEU B 255 -17.13 -1.29 -25.96
CA LEU B 255 -16.54 -1.22 -24.63
C LEU B 255 -17.60 -1.40 -23.55
N ALA B 256 -18.79 -0.80 -23.73
CA ALA B 256 -19.86 -0.96 -22.76
C ALA B 256 -20.36 -2.40 -22.72
N ALA B 257 -20.47 -3.05 -23.88
CA ALA B 257 -20.86 -4.46 -23.89
C ALA B 257 -19.84 -5.30 -23.14
N PHE B 258 -18.56 -5.02 -23.38
CA PHE B 258 -17.51 -5.71 -22.64
C PHE B 258 -17.68 -5.50 -21.16
N HIS B 259 -17.96 -4.27 -20.76
CA HIS B 259 -18.05 -4.00 -19.33
C HIS B 259 -19.21 -4.76 -18.68
N PHE B 260 -20.38 -4.74 -19.32
CA PHE B 260 -21.53 -5.45 -18.76
C PHE B 260 -21.28 -6.96 -18.74
N CYS B 261 -20.53 -7.48 -19.70
CA CYS B 261 -20.20 -8.90 -19.67
C CYS B 261 -19.33 -9.20 -18.44
N MET B 262 -18.35 -8.33 -18.17
CA MET B 262 -17.53 -8.49 -16.98
C MET B 262 -18.37 -8.41 -15.71
N GLU B 263 -19.27 -7.43 -15.63
CA GLU B 263 -20.06 -7.24 -14.43
C GLU B 263 -20.99 -8.41 -14.19
N ALA B 264 -21.61 -8.91 -15.26
CA ALA B 264 -22.43 -10.10 -15.18
C ALA B 264 -21.69 -11.25 -14.52
N GLY B 265 -20.45 -11.50 -14.94
CA GLY B 265 -19.66 -12.54 -14.31
C GLY B 265 -19.47 -12.31 -12.82
N ILE B 266 -19.10 -11.09 -12.45
CA ILE B 266 -18.85 -10.75 -11.05
C ILE B 266 -20.12 -10.92 -10.24
N LYS B 267 -21.24 -10.40 -10.76
CA LYS B 267 -22.49 -10.38 -10.01
C LYS B 267 -23.05 -11.78 -9.85
N ARG B 268 -22.88 -12.64 -10.86
CA ARG B 268 -23.24 -14.05 -10.71
C ARG B 268 -22.56 -14.65 -9.48
N GLU B 269 -21.24 -14.46 -9.37
CA GLU B 269 -20.50 -15.01 -8.24
C GLU B 269 -20.91 -14.38 -6.91
N GLN B 270 -21.55 -13.22 -6.93
CA GLN B 270 -22.08 -12.60 -5.72
C GLN B 270 -23.55 -12.90 -5.48
N GLY B 271 -24.29 -13.37 -6.50
CA GLY B 271 -25.73 -13.51 -6.38
C GLY B 271 -26.52 -12.23 -6.54
N ASN B 272 -25.95 -11.20 -7.16
CA ASN B 272 -26.60 -9.91 -7.33
C ASN B 272 -27.02 -9.66 -8.77
N THR B 273 -27.25 -10.73 -9.53
CA THR B 273 -27.65 -10.60 -10.92
C THR B 273 -28.97 -9.84 -11.08
N ASP B 274 -29.73 -9.67 -10.00
CA ASP B 274 -30.98 -8.95 -10.10
C ASP B 274 -30.81 -7.45 -10.35
N ILE B 275 -29.60 -6.89 -10.15
CA ILE B 275 -29.44 -5.46 -10.36
C ILE B 275 -29.62 -5.11 -11.84
N PHE B 276 -29.34 -6.04 -12.76
CA PHE B 276 -29.47 -5.73 -14.18
C PHE B 276 -30.93 -5.53 -14.59
N ARG B 277 -31.84 -6.29 -13.99
CA ARG B 277 -33.25 -5.98 -14.15
C ARG B 277 -33.59 -4.66 -13.48
N GLU B 278 -33.04 -4.43 -12.28
CA GLU B 278 -33.35 -3.21 -11.53
C GLU B 278 -33.01 -1.96 -12.34
N ILE B 279 -31.92 -1.98 -13.11
CA ILE B 279 -31.48 -0.79 -13.83
C ILE B 279 -31.94 -0.80 -15.30
N ASN B 280 -32.82 -1.72 -15.68
CA ASN B 280 -33.34 -1.83 -17.05
C ASN B 280 -32.24 -1.97 -18.09
N ALA B 281 -31.28 -2.85 -17.79
CA ALA B 281 -30.22 -3.19 -18.73
C ALA B 281 -30.57 -4.37 -19.63
N ILE B 282 -31.55 -5.18 -19.24
CA ILE B 282 -31.85 -6.41 -19.97
C ILE B 282 -32.21 -6.12 -21.42
N GLU B 283 -33.18 -5.23 -21.64
CA GLU B 283 -33.61 -4.97 -23.01
C GLU B 283 -32.53 -4.27 -23.83
N ALA B 284 -31.79 -3.35 -23.22
CA ALA B 284 -30.68 -2.75 -23.94
C ALA B 284 -29.67 -3.80 -24.37
N LEU B 285 -29.42 -4.79 -23.49
CA LEU B 285 -28.48 -5.85 -23.82
C LEU B 285 -29.05 -6.82 -24.84
N LYS B 286 -30.31 -7.21 -24.69
CA LYS B 286 -30.94 -8.06 -25.70
C LYS B 286 -30.88 -7.39 -27.05
N ASN B 287 -31.14 -6.08 -27.08
CA ASN B 287 -30.97 -5.32 -28.32
C ASN B 287 -29.55 -5.44 -28.86
N VAL B 288 -28.54 -5.39 -27.99
CA VAL B 288 -27.17 -5.51 -28.47
C VAL B 288 -26.88 -6.93 -28.94
N ALA B 289 -27.47 -7.94 -28.31
CA ALA B 289 -27.24 -9.32 -28.71
C ALA B 289 -27.78 -9.64 -30.09
N SER B 290 -28.57 -8.75 -30.69
CA SER B 290 -29.15 -8.96 -32.01
C SER B 290 -28.57 -8.03 -33.07
N CYS B 291 -27.79 -7.03 -32.68
CA CYS B 291 -27.24 -6.08 -33.64
C CYS B 291 -26.24 -6.79 -34.54
N PRO B 292 -25.87 -6.17 -35.66
CA PRO B 292 -24.89 -6.82 -36.56
C PRO B 292 -23.50 -6.91 -35.95
N ASN B 293 -23.09 -5.91 -35.16
CA ASN B 293 -21.76 -5.84 -34.56
C ASN B 293 -21.41 -7.11 -33.81
N ALA B 294 -20.48 -7.89 -34.39
CA ALA B 294 -20.20 -9.21 -33.84
C ALA B 294 -19.51 -9.13 -32.48
N ILE B 295 -18.64 -8.13 -32.30
CA ILE B 295 -17.92 -8.01 -31.04
C ILE B 295 -18.89 -7.72 -29.90
N ALA B 296 -19.69 -6.66 -30.05
CA ALA B 296 -20.61 -6.28 -28.98
C ALA B 296 -21.66 -7.35 -28.77
N SER B 297 -22.17 -7.94 -29.85
CA SER B 297 -23.21 -8.96 -29.72
C SER B 297 -22.71 -10.13 -28.89
N LYS B 298 -21.49 -10.59 -29.17
CA LYS B 298 -20.98 -11.73 -28.40
C LYS B 298 -20.86 -11.39 -26.93
N PHE B 299 -20.41 -10.17 -26.62
CA PHE B 299 -20.29 -9.80 -25.22
C PHE B 299 -21.67 -9.70 -24.58
N ALA B 300 -22.61 -9.03 -25.26
CA ALA B 300 -23.95 -8.87 -24.71
C ALA B 300 -24.65 -10.21 -24.54
N ALA B 301 -24.45 -11.13 -25.48
CA ALA B 301 -25.05 -12.46 -25.34
C ALA B 301 -24.47 -13.21 -24.15
N GLN B 302 -23.14 -13.16 -23.98
CA GLN B 302 -22.52 -13.82 -22.83
C GLN B 302 -22.98 -13.19 -21.53
N ALA B 303 -23.21 -11.88 -21.51
CA ALA B 303 -23.73 -11.22 -20.32
C ALA B 303 -25.11 -11.79 -19.96
N LEU B 304 -25.99 -11.87 -20.96
CA LEU B 304 -27.34 -12.39 -20.75
C LEU B 304 -27.32 -13.83 -20.26
N ARG B 305 -26.37 -14.65 -20.74
CA ARG B 305 -26.24 -16.01 -20.20
C ARG B 305 -25.78 -16.00 -18.75
N LEU B 306 -24.83 -15.13 -18.41
CA LEU B 306 -24.33 -15.07 -17.04
C LEU B 306 -25.41 -14.59 -16.08
N ILE B 307 -26.34 -13.80 -16.57
CA ILE B 307 -27.42 -13.25 -15.76
C ILE B 307 -28.47 -14.32 -15.52
C15 YRJ C . 19.09 -1.32 1.40
C17 YRJ C . 19.32 0.66 2.64
C20 YRJ C . 17.30 1.93 3.43
C22 YRJ C . 15.17 2.96 4.02
C26 YRJ C . 13.28 4.90 5.41
C28 YRJ C . 11.05 5.71 5.52
C02 YRJ C . 15.70 -4.18 1.39
C03 YRJ C . 17.02 -3.49 1.64
C05 YRJ C . 16.98 -2.33 0.88
C07 YRJ C . 14.74 -2.92 1.34
C08 YRJ C . 14.27 -2.73 2.80
C16 YRJ C . 19.88 -0.37 1.97
C18 YRJ C . 17.93 0.69 2.71
C19 YRJ C . 17.18 -0.28 2.10
C25 YRJ C . 12.82 3.76 4.78
C27 YRJ C . 12.39 5.89 5.76
C29 YRJ C . 10.60 4.55 4.94
C30 YRJ C . 11.49 3.55 4.59
N14 YRJ C . 17.75 -1.24 1.47
N21 YRJ C . 15.95 1.73 3.87
N24 YRJ C . 13.77 2.70 4.48
N31 YRJ C . 10.11 6.71 5.90
O01 YRJ C . 15.66 -4.87 0.15
O04 YRJ C . 18.07 -4.28 1.28
O06 YRJ C . 15.45 -1.89 0.93
O09 YRJ C . 13.39 -1.65 2.79
O11 YRJ C . 12.44 -1.89 5.18
O12 YRJ C . 12.36 0.33 4.01
O13 YRJ C . 14.56 -0.64 4.81
O23 YRJ C . 15.60 4.00 3.78
O32 YRJ C . 8.78 6.35 6.04
O33 YRJ C . 10.47 7.79 6.14
P10 YRJ C . 13.17 -0.92 4.24
H151 YRJ C . 19.47 -2.05 0.96
H171 YRJ C . 19.85 1.32 3.03
H202 YRJ C . 17.32 2.68 2.82
H201 YRJ C . 17.84 2.13 4.21
H261 YRJ C . 14.19 5.00 5.59
H021 YRJ C . 15.49 -4.82 2.09
H031 YRJ C . 17.12 -3.26 2.59
H051 YRJ C . 17.17 -2.44 -0.05
H071 YRJ C . 14.02 -3.01 0.69
H082 YRJ C . 15.03 -2.54 3.37
H081 YRJ C . 13.82 -3.53 3.11
H161 YRJ C . 20.80 -0.44 1.90
H191 YRJ C . 16.25 -0.25 2.15
H271 YRJ C . 12.69 6.67 6.16
H291 YRJ C . 9.68 4.43 4.78
H301 YRJ C . 11.17 2.75 4.23
H211 YRJ C . 15.62 0.95 4.01
H241 YRJ C . 13.50 1.88 4.56
H011 YRJ C . 16.44 -5.11 -0.05
H041 YRJ C . 18.35 -4.70 1.97
NA NA D . 28.82 -4.38 21.20
NA NA E . 24.22 8.67 6.78
C15 YRJ F . -12.36 -0.51 -1.85
C17 YRJ F . -13.06 -2.40 -3.09
C20 YRJ F . -15.46 -2.70 -3.71
C22 YRJ F . -17.86 -2.71 -4.21
C26 YRJ F . -20.34 -3.62 -5.60
C28 YRJ F . -22.71 -3.61 -5.57
C02 YRJ F . -14.21 3.50 -1.52
C03 YRJ F . -13.32 2.32 -1.87
C05 YRJ F . -13.82 1.25 -1.17
C07 YRJ F . -15.61 2.75 -1.44
C08 YRJ F . -16.21 2.82 -2.87
C16 YRJ F . -12.09 -1.69 -2.48
C18 YRJ F . -14.32 -1.85 -3.04
C19 YRJ F . -14.57 -0.65 -2.40
C25 YRJ F . -20.33 -2.43 -4.87
C27 YRJ F . -21.53 -4.21 -5.92
C29 YRJ F . -22.70 -2.40 -4.89
C30 YRJ F . -21.48 -1.79 -4.55
N14 YRJ F . -13.60 -0.03 -1.83
N21 YRJ F . -16.62 -1.96 -4.06
N24 YRJ F . -19.02 -1.86 -4.62
N31 YRJ F . -23.94 -4.22 -5.93
O01 YRJ F . -13.89 4.07 -0.26
O04 YRJ F . -12.01 2.59 -1.56
O06 YRJ F . -15.39 1.49 -1.10
O09 YRJ F . -17.44 2.14 -2.81
O11 YRJ F . -16.90 0.78 -4.94
O12 YRJ F . -18.31 2.84 -5.12
O13 YRJ F . -19.26 0.86 -3.95
O23 YRJ F . -17.90 -3.87 -4.01
O32 YRJ F . -25.09 -3.46 -6.00
O33 YRJ F . -23.97 -5.36 -6.19
P10 YRJ F . -18.00 1.63 -4.26
H151 YRJ F . -11.67 -0.04 -1.45
H171 YRJ F . -12.88 -3.21 -3.52
H202 YRJ F . -15.72 -3.40 -3.09
H201 YRJ F . -15.10 -3.10 -4.52
H261 YRJ F . -19.54 -4.02 -5.86
H021 YRJ F . -14.17 4.21 -2.18
H031 YRJ F . -13.38 2.13 -2.82
H051 YRJ F . -13.53 1.22 -0.24
H071 YRJ F . -16.17 3.13 -0.75
H082 YRJ F . -15.62 2.40 -3.51
H081 YRJ F . -16.35 3.75 -3.12
H161 YRJ F . -11.21 -2.02 -2.48
H191 YRJ F . -15.43 -0.31 -2.39
H271 YRJ F . -21.55 -5.03 -6.37
H291 YRJ F . -23.50 -1.99 -4.66
H301 YRJ F . -21.47 -0.98 -4.13
H211 YRJ F . -16.60 -1.11 -4.18
H241 YRJ F . -18.91 -1.01 -4.68
H011 YRJ F . -13.40 4.76 -0.39
H041 YRJ F . -11.59 2.78 -2.28
#